data_5WKI
#
_entry.id   5WKI
#
_cell.length_a   152.010
_cell.length_b   82.970
_cell.length_c   90.160
_cell.angle_alpha   90.00
_cell.angle_beta   94.88
_cell.angle_gamma   90.00
#
_symmetry.space_group_name_H-M   'C 1 2 1'
#
loop_
_entity.id
_entity.type
_entity.pdbx_description
1 polymer 'T-cell surface glycoprotein CD1b'
2 polymer Beta-2-microglobulin
3 polymer 'T-cell receptor alpha variable 26-1,TRA@ protein'
4 polymer 'PG90 TCR beta chain'
5 branched alpha-L-fucopyranose-(1-3)-[2-acetamido-2-deoxy-beta-D-glucopyranose-(1-4)][alpha-L-fucopyranose-(1-6)]2-acetamido-2-deoxy-beta-D-glucopyranose
6 non-polymer 'tetracosyl octadecanoate'
7 non-polymer 2-acetamido-2-deoxy-beta-D-glucopyranose
8 non-polymer 1,2-ETHANEDIOL
9 non-polymer 'SODIUM ION'
10 non-polymer '(19S,22R,25R)-22,25,26-trihydroxy-16,22-dioxo-17,21,23-trioxa-22lambda~5~-phosphahexacosan-19-yl (9E)-octadec-9-enoate'
11 non-polymer 'ACETATE ION'
12 non-polymer 'CHLORIDE ION'
13 water water
#
loop_
_entity_poly.entity_id
_entity_poly.type
_entity_poly.pdbx_seq_one_letter_code
_entity_poly.pdbx_strand_id
1 'polypeptide(L)'
;HAFQGPTSFHVIQTSSFTNSTWAQTQGSGWLDDLQIHGWDSDSGTAIFLKPWSKGNFSDKEVAELEEIFRVYIFGFAREV
QDFAGDFQMKYPFEIQGIAGCELHSGGAIVSFLRGALGGLDFLSVKNASCVPSPEGGSRAQKFCALIIQYQGIMETVRIL
LYETCPRYLLGVLNAGKADLQRQVKPEAWLSSGPSPGPGRLQLVCHVSGFYPKPVWVMWMRGEQEQQGTQLGDILPNANW
TWYLRATLDVADGEAAGLSCRVKHSSLEGQDIILYWRGSGLNDIFEAQKIEWHEHHHHHH
;
A
2 'polypeptide(L)'
;IQRTPKIQVYSRHPAENGKSNFLNCYVSGFHPSDIEVDLLKNGERIEKVEHSDLSFSKDWSFYLLYYTEFTPTEKDEYAC
RVNHVTLSQPKIVKWDRDM
;
B
3 'polypeptide(L)'
;DAKTTQPPSMDCAEGRAANLPCNHSTISGNEYVYWYRQIHSQGPQYIIHGLKNNETNEMASLIITEDRKSSTLILPHATL
RDTAVYYCIVRVAYRQKVTFGTGTKLQVIPNIQNPDPAVYQLRDSKSSDKSVCLFTDFDSQTNVSQSKDSDVYITDKCVL
DMRSMDFKSNSAVAWSNKSDFACANAFNNSIIPEDTFFPSPESS
;
D
4 'polypeptide(L)'
;GAGVSQSPRYKVAKRGQDVALRCDPISGHVSLFWYQQALGQGPEFLTYFQNEAQLDKSGLPSDRFFAERPEGSVSTLKIQ
RTQQEDSAVYLCASSLARAQGASNTGELFFGEGSRLTVLEDLKNVFPPEVAVFEPSEAEISHTQKATLVCLATGFYPDHV
ELSWWVNGKEVHSGVCTDPQPLKEQPALNDSRYALSSRLRVSATFWQNPRNHFRCQVQFYGLSENDEWTQDRAKPVTQIV
SAEAWGRAD
;
E
#
# COMPACT_ATOMS: atom_id res chain seq x y z
N GLY A 5 -16.01 -28.55 24.01
CA GLY A 5 -15.01 -27.58 24.45
C GLY A 5 -15.33 -26.16 24.05
N PRO A 6 -14.38 -25.43 23.39
CA PRO A 6 -14.63 -24.03 23.02
C PRO A 6 -15.65 -23.86 21.89
N THR A 7 -16.34 -22.72 21.92
CA THR A 7 -17.40 -22.40 20.96
C THR A 7 -17.18 -21.04 20.27
N SER A 8 -16.16 -20.25 20.69
CA SER A 8 -15.91 -18.93 20.10
C SER A 8 -14.45 -18.68 19.78
N PHE A 9 -14.20 -18.07 18.60
CA PHE A 9 -12.86 -17.62 18.20
C PHE A 9 -12.83 -16.10 18.21
N HIS A 10 -11.84 -15.51 18.89
CA HIS A 10 -11.68 -14.07 18.92
C HIS A 10 -10.20 -13.62 19.01
N VAL A 11 -9.91 -12.45 18.43
CA VAL A 11 -8.59 -11.83 18.41
C VAL A 11 -8.67 -10.60 19.31
N ILE A 12 -7.64 -10.37 20.13
CA ILE A 12 -7.65 -9.25 21.09
C ILE A 12 -6.51 -8.28 20.78
N GLN A 13 -6.69 -7.01 21.19
CA GLN A 13 -5.74 -5.93 20.97
C GLN A 13 -5.58 -5.08 22.21
N THR A 14 -4.35 -4.64 22.47
CA THR A 14 -4.01 -3.77 23.59
C THR A 14 -2.86 -2.87 23.15
N SER A 15 -3.21 -1.63 22.83
CA SER A 15 -2.26 -0.62 22.38
C SER A 15 -1.96 0.35 23.53
N SER A 16 -0.67 0.47 23.89
CA SER A 16 -0.18 1.31 24.98
C SER A 16 0.51 2.54 24.43
N PHE A 17 -0.03 3.72 24.73
CA PHE A 17 0.52 5.00 24.30
C PHE A 17 1.16 5.71 25.48
N THR A 18 2.50 5.76 25.53
CA THR A 18 3.24 6.39 26.63
C THR A 18 3.47 7.90 26.33
N ASN A 19 4.16 8.23 25.23
CA ASN A 19 4.40 9.61 24.82
C ASN A 19 3.97 9.80 23.35
N SER A 20 3.87 11.08 22.90
CA SER A 20 3.45 11.49 21.55
C SER A 20 4.29 10.87 20.40
N THR A 21 5.37 10.13 20.73
CA THR A 21 6.25 9.48 19.78
C THR A 21 6.24 7.94 19.91
N TRP A 22 5.92 7.40 21.11
CA TRP A 22 5.93 5.95 21.39
C TRP A 22 4.54 5.32 21.58
N ALA A 23 4.37 4.11 21.01
CA ALA A 23 3.19 3.24 21.08
C ALA A 23 3.60 1.77 20.92
N GLN A 24 2.82 0.85 21.52
CA GLN A 24 3.11 -0.59 21.47
C GLN A 24 1.81 -1.40 21.54
N THR A 25 1.56 -2.20 20.48
CA THR A 25 0.36 -3.03 20.36
C THR A 25 0.69 -4.47 20.74
N GLN A 26 -0.27 -5.13 21.41
CA GLN A 26 -0.22 -6.52 21.85
C GLN A 26 -1.46 -7.22 21.32
N GLY A 27 -1.25 -8.29 20.56
CA GLY A 27 -2.34 -9.08 20.01
C GLY A 27 -2.18 -10.57 20.17
N SER A 28 -3.31 -11.29 20.17
CA SER A 28 -3.33 -12.74 20.27
C SER A 28 -4.64 -13.33 19.68
N GLY A 29 -4.66 -14.65 19.47
CA GLY A 29 -5.80 -15.39 18.94
C GLY A 29 -6.28 -16.39 19.97
N TRP A 30 -7.59 -16.41 20.24
CA TRP A 30 -8.17 -17.22 21.31
C TRP A 30 -9.41 -18.02 20.92
N LEU A 31 -9.50 -19.24 21.49
CA LEU A 31 -10.67 -20.14 21.45
C LEU A 31 -11.19 -20.14 22.88
N ASP A 32 -12.00 -19.12 23.22
CA ASP A 32 -12.48 -18.83 24.58
C ASP A 32 -11.25 -18.50 25.44
N ASP A 33 -10.98 -19.31 26.49
CA ASP A 33 -9.85 -19.13 27.41
C ASP A 33 -8.54 -19.75 26.91
N LEU A 34 -8.58 -20.52 25.80
CA LEU A 34 -7.39 -21.21 25.28
C LEU A 34 -6.79 -20.46 24.10
N GLN A 35 -5.53 -20.01 24.27
CA GLN A 35 -4.76 -19.26 23.28
C GLN A 35 -4.21 -20.20 22.21
N ILE A 36 -4.53 -19.91 20.93
CA ILE A 36 -4.08 -20.73 19.83
C ILE A 36 -3.11 -19.90 18.96
N HIS A 37 -3.24 -18.57 19.00
CA HIS A 37 -2.34 -17.69 18.26
C HIS A 37 -1.74 -16.63 19.13
N GLY A 38 -0.56 -16.20 18.74
CA GLY A 38 0.16 -15.11 19.35
C GLY A 38 0.50 -14.13 18.24
N TRP A 39 1.20 -13.06 18.57
CA TRP A 39 1.63 -12.09 17.59
C TRP A 39 2.97 -11.54 18.00
N ASP A 40 3.93 -11.68 17.10
CA ASP A 40 5.28 -11.14 17.28
C ASP A 40 5.27 -9.77 16.64
N SER A 41 5.28 -8.71 17.47
CA SER A 41 5.24 -7.32 17.02
C SER A 41 6.48 -6.90 16.24
N ASP A 42 7.66 -7.44 16.62
CA ASP A 42 8.95 -7.13 15.99
C ASP A 42 8.99 -7.44 14.50
N SER A 43 8.48 -8.61 14.08
CA SER A 43 8.45 -9.03 12.69
C SER A 43 7.07 -8.83 12.04
N GLY A 44 6.02 -8.85 12.84
CA GLY A 44 4.64 -8.71 12.36
C GLY A 44 4.18 -10.02 11.78
N THR A 45 4.45 -11.11 12.52
CA THR A 45 4.12 -12.48 12.13
C THR A 45 3.37 -13.15 13.25
N ALA A 46 2.39 -13.98 12.92
CA ALA A 46 1.61 -14.72 13.91
C ALA A 46 2.41 -15.91 14.43
N ILE A 47 2.09 -16.36 15.64
CA ILE A 47 2.72 -17.52 16.27
C ILE A 47 1.62 -18.57 16.43
N PHE A 48 1.79 -19.70 15.76
CA PHE A 48 0.81 -20.80 15.82
C PHE A 48 1.22 -21.70 16.99
N LEU A 49 0.45 -21.58 18.10
CA LEU A 49 0.73 -22.23 19.38
C LEU A 49 0.39 -23.72 19.40
N LYS A 50 -0.38 -24.19 18.39
CA LYS A 50 -0.82 -25.58 18.24
C LYS A 50 -0.68 -25.99 16.77
N PRO A 51 -0.41 -27.29 16.45
CA PRO A 51 -0.26 -27.69 15.02
C PRO A 51 -1.49 -27.44 14.15
N TRP A 52 -2.69 -27.45 14.76
CA TRP A 52 -3.98 -27.25 14.12
C TRP A 52 -4.51 -25.79 14.17
N SER A 53 -3.66 -24.82 14.59
CA SER A 53 -4.02 -23.40 14.73
C SER A 53 -4.46 -22.76 13.42
N LYS A 54 -3.92 -23.22 12.28
CA LYS A 54 -4.29 -22.65 10.98
C LYS A 54 -5.67 -23.17 10.50
N GLY A 55 -6.25 -24.11 11.25
CA GLY A 55 -7.54 -24.71 10.96
C GLY A 55 -7.48 -25.58 9.73
N ASN A 56 -8.35 -25.29 8.76
CA ASN A 56 -8.39 -26.00 7.47
C ASN A 56 -7.84 -25.08 6.34
N PHE A 57 -7.56 -23.81 6.69
CA PHE A 57 -7.06 -22.75 5.81
C PHE A 57 -5.68 -23.08 5.27
N SER A 58 -5.48 -22.87 3.96
CA SER A 58 -4.20 -23.12 3.30
C SER A 58 -3.22 -22.02 3.68
N ASP A 59 -1.93 -22.24 3.45
CA ASP A 59 -0.90 -21.24 3.75
C ASP A 59 -1.07 -19.96 2.90
N LYS A 60 -1.95 -20.01 1.88
CA LYS A 60 -2.24 -18.85 1.06
C LYS A 60 -3.21 -17.94 1.81
N GLU A 61 -4.27 -18.48 2.48
CA GLU A 61 -5.22 -17.63 3.22
C GLU A 61 -4.64 -17.19 4.58
N VAL A 62 -3.82 -18.04 5.21
CA VAL A 62 -3.20 -17.74 6.50
C VAL A 62 -2.22 -16.54 6.36
N ALA A 63 -1.47 -16.46 5.24
CA ALA A 63 -0.52 -15.39 4.98
C ALA A 63 -1.25 -14.07 4.71
N GLU A 64 -2.40 -14.12 4.02
CA GLU A 64 -3.26 -12.97 3.69
C GLU A 64 -3.83 -12.37 4.95
N LEU A 65 -4.20 -13.24 5.90
CA LEU A 65 -4.77 -12.78 7.16
C LEU A 65 -3.70 -12.08 7.98
N GLU A 66 -2.51 -12.68 8.06
CA GLU A 66 -1.33 -12.15 8.73
C GLU A 66 -0.98 -10.75 8.21
N GLU A 67 -1.09 -10.52 6.87
CA GLU A 67 -0.82 -9.22 6.23
C GLU A 67 -1.78 -8.14 6.70
N ILE A 68 -3.09 -8.44 6.79
CA ILE A 68 -4.14 -7.51 7.24
C ILE A 68 -3.83 -6.98 8.66
N PHE A 69 -3.44 -7.88 9.60
CA PHE A 69 -3.08 -7.51 10.97
C PHE A 69 -1.74 -6.78 11.00
N ARG A 70 -0.81 -7.17 10.12
CA ARG A 70 0.50 -6.53 9.99
C ARG A 70 0.32 -5.06 9.60
N VAL A 71 -0.55 -4.80 8.60
CA VAL A 71 -0.93 -3.47 8.08
C VAL A 71 -1.73 -2.72 9.15
N TYR A 72 -2.72 -3.40 9.76
CA TYR A 72 -3.60 -2.83 10.77
C TYR A 72 -2.85 -2.37 12.01
N ILE A 73 -1.92 -3.21 12.56
CA ILE A 73 -1.14 -2.85 13.76
C ILE A 73 -0.20 -1.68 13.45
N PHE A 74 0.62 -1.76 12.38
CA PHE A 74 1.55 -0.71 11.91
C PHE A 74 0.83 0.64 11.68
N GLY A 75 -0.33 0.59 11.06
CA GLY A 75 -1.11 1.77 10.77
C GLY A 75 -1.93 2.33 11.92
N PHE A 76 -2.41 1.45 12.83
CA PHE A 76 -3.25 1.83 13.99
C PHE A 76 -2.68 2.96 14.83
N ALA A 77 -1.41 2.84 15.27
CA ALA A 77 -0.74 3.80 16.15
C ALA A 77 -0.62 5.20 15.55
N ARG A 78 -0.17 5.32 14.27
CA ARG A 78 -0.01 6.63 13.62
C ARG A 78 -1.35 7.34 13.43
N GLU A 79 -2.47 6.59 13.17
CA GLU A 79 -3.79 7.21 12.99
C GLU A 79 -4.25 7.87 14.30
N VAL A 80 -4.27 7.11 15.40
CA VAL A 80 -4.72 7.57 16.71
C VAL A 80 -3.74 8.60 17.32
N GLN A 81 -2.41 8.51 17.06
CA GLN A 81 -1.45 9.49 17.60
C GLN A 81 -1.62 10.87 16.96
N ASP A 82 -1.99 10.90 15.66
CA ASP A 82 -2.24 12.14 14.92
C ASP A 82 -3.60 12.74 15.31
N PHE A 83 -4.58 11.86 15.58
CA PHE A 83 -5.93 12.26 15.99
C PHE A 83 -6.06 12.37 17.53
N ALA A 84 -4.93 12.25 18.27
CA ALA A 84 -4.92 12.38 19.73
C ALA A 84 -5.22 13.83 20.13
N GLY A 85 -4.69 14.79 19.36
CA GLY A 85 -4.92 16.21 19.55
C GLY A 85 -6.34 16.62 19.16
N ASP A 86 -6.91 15.92 18.15
CA ASP A 86 -8.27 16.14 17.65
C ASP A 86 -9.36 15.71 18.66
N PHE A 87 -9.11 14.58 19.36
CA PHE A 87 -10.05 14.01 20.33
C PHE A 87 -9.65 14.39 21.79
N GLN A 88 -8.81 15.44 21.94
CA GLN A 88 -8.32 16.05 23.19
C GLN A 88 -7.78 15.00 24.22
N MET A 89 -7.07 13.98 23.73
CA MET A 89 -6.50 12.90 24.54
C MET A 89 -5.12 13.25 25.06
N LYS A 90 -4.82 12.83 26.30
CA LYS A 90 -3.53 13.11 26.92
C LYS A 90 -2.82 11.81 27.30
N TYR A 91 -1.54 11.74 26.94
CA TYR A 91 -0.64 10.62 27.20
C TYR A 91 -0.31 10.53 28.69
N PRO A 92 -0.36 9.31 29.30
CA PRO A 92 -0.59 8.01 28.67
C PRO A 92 -2.06 7.57 28.66
N PHE A 93 -2.44 6.84 27.59
CA PHE A 93 -3.77 6.24 27.42
C PHE A 93 -3.61 4.80 26.88
N GLU A 94 -4.68 3.99 26.95
CA GLU A 94 -4.62 2.59 26.50
C GLU A 94 -5.87 2.15 25.74
N ILE A 95 -5.69 1.74 24.49
CA ILE A 95 -6.78 1.22 23.65
C ILE A 95 -6.82 -0.31 23.76
N GLN A 96 -8.03 -0.86 23.87
CA GLN A 96 -8.30 -2.30 23.91
C GLN A 96 -9.32 -2.64 22.83
N GLY A 97 -9.26 -3.87 22.35
CA GLY A 97 -10.17 -4.36 21.33
C GLY A 97 -10.31 -5.85 21.32
N ILE A 98 -11.50 -6.33 20.91
CA ILE A 98 -11.86 -7.75 20.81
C ILE A 98 -12.81 -7.87 19.64
N ALA A 99 -12.63 -8.91 18.81
CA ALA A 99 -13.42 -9.16 17.62
C ALA A 99 -13.32 -10.60 17.24
N GLY A 100 -14.33 -11.08 16.52
CA GLY A 100 -14.40 -12.46 16.09
C GLY A 100 -15.83 -12.94 16.03
N CYS A 101 -16.00 -14.25 15.93
CA CYS A 101 -17.33 -14.85 15.82
C CYS A 101 -17.50 -15.95 16.88
N GLU A 102 -18.75 -16.18 17.29
CA GLU A 102 -19.12 -17.13 18.32
C GLU A 102 -20.33 -17.95 17.89
N LEU A 103 -20.28 -19.28 18.12
CA LEU A 103 -21.43 -20.14 17.87
C LEU A 103 -22.48 -19.82 18.96
N HIS A 104 -23.74 -19.72 18.56
CA HIS A 104 -24.81 -19.34 19.47
C HIS A 104 -26.05 -20.20 19.30
N SER A 105 -27.15 -19.71 19.89
CA SER A 105 -28.49 -20.29 19.81
C SER A 105 -29.25 -19.64 18.65
N ALA A 108 -25.28 -21.81 14.01
CA ALA A 108 -25.78 -20.45 14.16
C ALA A 108 -24.67 -19.55 14.74
N ILE A 109 -23.83 -18.96 13.85
CA ILE A 109 -22.70 -18.13 14.26
C ILE A 109 -23.06 -16.63 14.27
N VAL A 110 -22.65 -15.94 15.35
CA VAL A 110 -22.81 -14.50 15.57
C VAL A 110 -21.41 -13.83 15.66
N SER A 111 -21.17 -12.82 14.81
CA SER A 111 -19.90 -12.09 14.80
C SER A 111 -20.01 -10.88 15.73
N PHE A 112 -18.87 -10.43 16.30
CA PHE A 112 -18.81 -9.31 17.26
C PHE A 112 -17.50 -8.51 17.17
N LEU A 113 -17.53 -7.25 17.64
CA LEU A 113 -16.38 -6.35 17.70
C LEU A 113 -16.61 -5.31 18.81
N ARG A 114 -15.65 -5.13 19.74
CA ARG A 114 -15.75 -4.17 20.85
C ARG A 114 -14.47 -3.37 21.04
N GLY A 115 -14.62 -2.10 21.41
CA GLY A 115 -13.51 -1.19 21.66
C GLY A 115 -13.56 -0.59 23.05
N ALA A 116 -12.38 -0.18 23.60
CA ALA A 116 -12.28 0.39 24.95
C ALA A 116 -11.08 1.29 25.16
N LEU A 117 -11.35 2.49 25.73
CA LEU A 117 -10.35 3.48 26.12
C LEU A 117 -10.36 3.62 27.66
N GLY A 118 -9.17 3.63 28.25
CA GLY A 118 -8.96 3.74 29.70
C GLY A 118 -9.60 2.67 30.56
N GLY A 119 -9.96 1.53 29.95
CA GLY A 119 -10.63 0.41 30.62
C GLY A 119 -12.13 0.42 30.42
N LEU A 120 -12.68 1.62 30.09
CA LEU A 120 -14.11 1.85 29.88
C LEU A 120 -14.50 1.60 28.44
N ASP A 121 -15.71 1.06 28.23
CA ASP A 121 -16.31 0.74 26.92
C ASP A 121 -16.22 1.96 25.97
N PHE A 122 -16.09 1.69 24.66
CA PHE A 122 -15.97 2.76 23.67
C PHE A 122 -16.90 2.53 22.49
N LEU A 123 -16.95 1.30 21.96
CA LEU A 123 -17.83 0.99 20.84
C LEU A 123 -18.14 -0.50 20.74
N SER A 124 -19.17 -0.81 19.95
CA SER A 124 -19.70 -2.15 19.68
C SER A 124 -20.25 -2.19 18.26
N VAL A 125 -20.42 -3.39 17.67
CA VAL A 125 -20.92 -3.51 16.29
C VAL A 125 -22.19 -4.39 16.24
N LYS A 126 -23.30 -3.77 15.82
CA LYS A 126 -24.60 -4.38 15.60
C LYS A 126 -25.03 -4.06 14.16
N ASN A 127 -25.31 -5.12 13.36
CA ASN A 127 -25.69 -5.04 11.94
C ASN A 127 -24.68 -4.16 11.17
N ALA A 128 -23.38 -4.54 11.23
CA ALA A 128 -22.21 -3.91 10.60
C ALA A 128 -22.20 -2.36 10.72
N SER A 129 -22.44 -1.83 11.94
CA SER A 129 -22.50 -0.37 12.18
C SER A 129 -21.76 0.05 13.47
N CYS A 130 -21.14 1.24 13.46
CA CYS A 130 -20.42 1.78 14.61
C CYS A 130 -21.39 2.28 15.68
N VAL A 131 -21.69 1.41 16.65
CA VAL A 131 -22.55 1.75 17.77
C VAL A 131 -21.63 2.29 18.86
N PRO A 132 -21.75 3.58 19.26
CA PRO A 132 -20.87 4.07 20.34
C PRO A 132 -21.30 3.50 21.69
N SER A 133 -20.45 3.67 22.72
CA SER A 133 -20.79 3.20 24.05
C SER A 133 -21.01 4.39 24.98
N PRO A 134 -22.17 4.41 25.70
CA PRO A 134 -22.50 5.54 26.59
C PRO A 134 -21.38 6.03 27.51
N GLU A 135 -20.48 5.11 27.94
CA GLU A 135 -19.34 5.37 28.81
C GLU A 135 -18.27 6.18 28.07
N GLY A 136 -18.07 5.87 26.78
CA GLY A 136 -17.10 6.55 25.91
C GLY A 136 -17.32 8.03 25.77
N GLY A 137 -18.59 8.43 25.80
CA GLY A 137 -19.03 9.82 25.73
C GLY A 137 -19.12 10.43 24.34
N SER A 138 -18.64 11.68 24.23
CA SER A 138 -18.62 12.49 23.01
C SER A 138 -17.55 11.97 22.04
N ARG A 139 -16.44 11.42 22.59
CA ARG A 139 -15.33 10.83 21.81
C ARG A 139 -15.82 9.66 20.98
N ALA A 140 -16.68 8.80 21.59
CA ALA A 140 -17.29 7.65 20.96
C ALA A 140 -18.28 8.09 19.87
N GLN A 141 -18.94 9.25 20.08
CA GLN A 141 -19.89 9.85 19.16
C GLN A 141 -19.14 10.45 17.96
N LYS A 142 -18.02 11.17 18.22
CA LYS A 142 -17.15 11.80 17.23
C LYS A 142 -16.42 10.75 16.40
N PHE A 143 -15.86 9.71 17.05
CA PHE A 143 -15.12 8.61 16.41
C PHE A 143 -16.00 7.77 15.47
N CYS A 144 -17.22 7.39 15.90
CA CYS A 144 -18.10 6.60 15.04
C CYS A 144 -18.54 7.41 13.84
N ALA A 145 -18.66 8.74 14.01
CA ALA A 145 -19.00 9.70 12.95
C ALA A 145 -17.80 9.98 12.01
N LEU A 146 -16.59 9.59 12.44
CA LEU A 146 -15.33 9.77 11.74
C LEU A 146 -14.94 8.50 10.97
N ILE A 147 -15.05 7.31 11.61
CA ILE A 147 -14.65 6.02 11.07
C ILE A 147 -15.58 5.56 9.93
N ILE A 148 -16.80 6.12 9.84
CA ILE A 148 -17.79 5.78 8.81
C ILE A 148 -17.22 6.13 7.41
N GLN A 149 -16.48 7.25 7.33
CA GLN A 149 -15.82 7.81 6.13
C GLN A 149 -14.72 6.89 5.57
N TYR A 150 -14.07 6.10 6.45
CA TYR A 150 -12.96 5.18 6.13
C TYR A 150 -13.52 3.86 5.59
N GLN A 151 -14.10 3.95 4.39
CA GLN A 151 -14.75 2.89 3.63
C GLN A 151 -13.88 1.67 3.41
N GLY A 152 -12.56 1.84 3.43
CA GLY A 152 -11.62 0.74 3.25
C GLY A 152 -11.58 -0.15 4.49
N ILE A 153 -11.51 0.50 5.67
CA ILE A 153 -11.47 -0.17 6.98
C ILE A 153 -12.82 -0.86 7.20
N MET A 154 -13.92 -0.09 7.04
CA MET A 154 -15.32 -0.55 7.20
C MET A 154 -15.61 -1.78 6.36
N GLU A 155 -15.17 -1.79 5.09
CA GLU A 155 -15.44 -2.90 4.19
C GLU A 155 -14.59 -4.14 4.47
N THR A 156 -13.37 -3.97 5.04
CA THR A 156 -12.47 -5.08 5.38
C THR A 156 -12.99 -5.79 6.63
N VAL A 157 -13.41 -5.02 7.66
CA VAL A 157 -13.91 -5.59 8.92
C VAL A 157 -15.18 -6.41 8.65
N ARG A 158 -16.00 -6.02 7.63
CA ARG A 158 -17.23 -6.73 7.23
C ARG A 158 -16.90 -8.15 6.77
N ILE A 159 -16.02 -8.29 5.77
CA ILE A 159 -15.60 -9.58 5.22
C ILE A 159 -14.93 -10.44 6.31
N LEU A 160 -14.11 -9.78 7.17
CA LEU A 160 -13.43 -10.47 8.25
C LEU A 160 -14.41 -10.96 9.31
N LEU A 161 -15.41 -10.16 9.66
CA LEU A 161 -16.39 -10.56 10.66
C LEU A 161 -17.38 -11.62 10.13
N TYR A 162 -18.10 -11.30 9.04
CA TYR A 162 -19.21 -12.09 8.52
C TYR A 162 -18.89 -13.09 7.39
N GLU A 163 -17.62 -13.25 6.96
CA GLU A 163 -17.34 -14.19 5.86
C GLU A 163 -16.13 -15.12 6.07
N THR A 164 -15.02 -14.58 6.59
CA THR A 164 -13.81 -15.39 6.75
C THR A 164 -13.78 -16.02 8.14
N CYS A 165 -14.26 -15.31 9.19
CA CYS A 165 -14.30 -15.80 10.57
C CYS A 165 -15.20 -17.05 10.71
N PRO A 166 -16.52 -17.02 10.33
CA PRO A 166 -17.36 -18.22 10.54
C PRO A 166 -16.81 -19.49 9.89
N ARG A 167 -16.21 -19.36 8.71
CA ARG A 167 -15.58 -20.43 7.94
C ARG A 167 -14.32 -20.92 8.66
N TYR A 168 -13.66 -20.02 9.41
CA TYR A 168 -12.46 -20.35 10.16
C TYR A 168 -12.80 -21.07 11.47
N LEU A 169 -13.79 -20.55 12.23
CA LEU A 169 -14.26 -21.09 13.51
C LEU A 169 -14.55 -22.60 13.38
N LEU A 170 -15.39 -23.00 12.39
CA LEU A 170 -15.77 -24.38 12.10
C LEU A 170 -14.58 -25.30 11.79
N GLY A 171 -13.63 -24.79 11.00
CA GLY A 171 -12.45 -25.54 10.58
C GLY A 171 -11.44 -25.75 11.67
N VAL A 172 -11.27 -24.77 12.57
CA VAL A 172 -10.28 -24.84 13.65
C VAL A 172 -10.82 -25.74 14.80
N LEU A 173 -12.15 -25.76 15.01
CA LEU A 173 -12.76 -26.62 16.04
C LEU A 173 -12.53 -28.10 15.65
N ASN A 174 -12.72 -28.43 14.36
CA ASN A 174 -12.56 -29.77 13.83
C ASN A 174 -11.09 -30.18 13.70
N ALA A 175 -10.19 -29.27 13.22
CA ALA A 175 -8.76 -29.56 13.02
C ALA A 175 -8.06 -29.98 14.31
N GLY A 176 -8.57 -29.51 15.45
CA GLY A 176 -8.01 -29.82 16.75
C GLY A 176 -8.99 -30.30 17.79
N LYS A 177 -9.89 -31.23 17.45
CA LYS A 177 -10.85 -31.78 18.39
C LYS A 177 -10.15 -32.65 19.43
N ALA A 178 -9.06 -33.34 19.04
CA ALA A 178 -8.25 -34.19 19.92
C ALA A 178 -7.72 -33.45 21.14
N ASP A 179 -7.52 -32.12 21.01
CA ASP A 179 -7.03 -31.23 22.07
C ASP A 179 -8.13 -30.35 22.64
N LEU A 180 -9.35 -30.33 22.07
CA LEU A 180 -10.41 -29.47 22.59
C LEU A 180 -11.46 -30.27 23.32
N GLN A 181 -11.71 -31.50 22.85
CA GLN A 181 -12.70 -32.43 23.38
C GLN A 181 -12.11 -33.44 24.40
N ARG A 182 -10.76 -33.49 24.54
CA ARG A 182 -10.08 -34.40 25.45
C ARG A 182 -10.54 -34.20 26.91
N GLN A 183 -10.46 -35.28 27.71
CA GLN A 183 -10.85 -35.29 29.10
C GLN A 183 -9.63 -35.54 29.98
N VAL A 184 -9.20 -34.51 30.73
CA VAL A 184 -8.04 -34.60 31.63
C VAL A 184 -8.54 -34.77 33.06
N LYS A 185 -8.14 -35.90 33.71
CA LYS A 185 -8.52 -36.20 35.09
C LYS A 185 -7.80 -35.26 36.07
N PRO A 186 -8.53 -34.67 37.06
CA PRO A 186 -7.86 -33.78 38.03
C PRO A 186 -7.14 -34.54 39.12
N GLU A 187 -6.35 -33.80 39.89
CA GLU A 187 -5.62 -34.34 41.04
C GLU A 187 -6.07 -33.59 42.26
N ALA A 188 -6.46 -34.32 43.30
CA ALA A 188 -6.94 -33.69 44.51
C ALA A 188 -6.12 -34.12 45.73
N TRP A 189 -5.93 -33.17 46.66
CA TRP A 189 -5.24 -33.34 47.94
C TRP A 189 -5.82 -32.36 48.94
N LEU A 190 -5.65 -32.65 50.24
CA LEU A 190 -6.16 -31.83 51.33
C LEU A 190 -5.05 -31.17 52.13
N SER A 191 -5.35 -30.02 52.76
CA SER A 191 -4.42 -29.23 53.58
C SER A 191 -5.18 -28.35 54.60
N SER A 192 -4.49 -27.97 55.68
CA SER A 192 -5.04 -27.15 56.75
C SER A 192 -4.67 -25.66 56.60
N GLY A 193 -5.68 -24.80 56.74
CA GLY A 193 -5.58 -23.35 56.67
C GLY A 193 -5.12 -22.73 57.99
N PRO A 194 -4.82 -21.41 58.03
CA PRO A 194 -4.30 -20.81 59.28
C PRO A 194 -5.34 -20.68 60.41
N SER A 195 -6.56 -20.21 60.10
CA SER A 195 -7.64 -20.03 61.06
C SER A 195 -8.85 -20.87 60.65
N GLY A 199 -7.97 -24.50 68.02
CA GLY A 199 -9.36 -24.11 68.23
C GLY A 199 -10.19 -24.13 66.95
N ARG A 200 -9.91 -23.20 66.02
CA ARG A 200 -10.61 -23.10 64.74
C ARG A 200 -9.72 -23.50 63.58
N LEU A 201 -10.31 -24.15 62.56
CA LEU A 201 -9.56 -24.61 61.39
C LEU A 201 -10.25 -24.32 60.06
N GLN A 202 -9.41 -24.04 59.05
CA GLN A 202 -9.83 -23.87 57.67
C GLN A 202 -9.42 -25.13 56.92
N LEU A 203 -10.41 -25.87 56.43
CA LEU A 203 -10.21 -27.11 55.69
C LEU A 203 -10.12 -26.80 54.19
N VAL A 204 -8.91 -26.91 53.62
CA VAL A 204 -8.68 -26.58 52.22
C VAL A 204 -8.60 -27.84 51.38
N CYS A 205 -9.35 -27.81 50.27
CA CYS A 205 -9.37 -28.84 49.24
C CYS A 205 -8.75 -28.27 47.97
N HIS A 206 -7.90 -29.05 47.28
CA HIS A 206 -7.26 -28.61 46.04
C HIS A 206 -7.53 -29.58 44.95
N VAL A 207 -8.02 -29.06 43.82
CA VAL A 207 -8.33 -29.82 42.61
C VAL A 207 -7.51 -29.18 41.52
N SER A 208 -6.49 -29.89 41.02
CA SER A 208 -5.56 -29.33 40.04
C SER A 208 -5.35 -30.25 38.84
N GLY A 209 -5.45 -29.65 37.66
CA GLY A 209 -5.20 -30.37 36.41
C GLY A 209 -6.39 -30.87 35.64
N PHE A 210 -7.58 -30.34 35.91
CA PHE A 210 -8.78 -30.77 35.21
C PHE A 210 -9.03 -29.98 33.92
N TYR A 211 -9.64 -30.66 32.96
CA TYR A 211 -10.05 -30.13 31.67
C TYR A 211 -11.19 -30.99 31.15
N PRO A 212 -12.34 -30.40 30.70
CA PRO A 212 -12.65 -28.96 30.57
C PRO A 212 -12.94 -28.27 31.91
N LYS A 213 -13.16 -26.93 31.88
CA LYS A 213 -13.42 -26.04 33.01
C LYS A 213 -14.60 -26.44 33.94
N PRO A 214 -15.80 -26.94 33.49
CA PRO A 214 -16.87 -27.27 34.47
C PRO A 214 -16.44 -28.37 35.45
N VAL A 215 -16.58 -28.08 36.76
CA VAL A 215 -16.20 -29.00 37.85
C VAL A 215 -17.12 -28.83 39.08
N TRP A 216 -17.38 -29.95 39.76
CA TRP A 216 -18.15 -29.97 41.00
C TRP A 216 -17.21 -30.29 42.15
N VAL A 217 -17.06 -29.35 43.09
CA VAL A 217 -16.21 -29.55 44.27
C VAL A 217 -16.95 -29.02 45.51
N MET A 218 -17.11 -29.89 46.52
CA MET A 218 -17.80 -29.58 47.76
C MET A 218 -17.29 -30.42 48.94
N TRP A 219 -17.42 -29.90 50.17
CA TRP A 219 -17.09 -30.59 51.43
C TRP A 219 -18.35 -31.31 51.91
N MET A 220 -18.18 -32.53 52.43
CA MET A 220 -19.29 -33.42 52.80
C MET A 220 -19.18 -34.07 54.19
N ARG A 221 -20.36 -34.37 54.77
CA ARG A 221 -20.55 -35.15 55.98
C ARG A 221 -21.26 -36.41 55.50
N GLY A 222 -20.49 -37.45 55.20
CA GLY A 222 -21.00 -38.71 54.68
C GLY A 222 -21.63 -38.52 53.31
N GLU A 223 -22.97 -38.50 53.28
CA GLU A 223 -23.75 -38.30 52.06
C GLU A 223 -24.47 -36.94 52.07
N GLN A 224 -24.24 -36.13 53.12
CA GLN A 224 -24.86 -34.81 53.31
C GLN A 224 -23.93 -33.66 52.92
N GLU A 225 -24.40 -32.76 52.04
CA GLU A 225 -23.66 -31.57 51.57
C GLU A 225 -23.49 -30.56 52.70
N GLN A 226 -22.41 -29.77 52.65
CA GLN A 226 -22.13 -28.72 53.64
C GLN A 226 -22.24 -27.37 52.93
N GLN A 227 -23.25 -26.57 53.33
CA GLN A 227 -23.59 -25.25 52.77
C GLN A 227 -22.52 -24.19 52.97
N GLY A 228 -21.68 -24.34 53.99
CA GLY A 228 -20.63 -23.39 54.33
C GLY A 228 -19.33 -23.44 53.54
N THR A 229 -19.29 -24.23 52.45
CA THR A 229 -18.11 -24.36 51.59
C THR A 229 -17.85 -23.04 50.85
N GLN A 230 -16.57 -22.63 50.77
CA GLN A 230 -16.21 -21.38 50.10
C GLN A 230 -15.33 -21.65 48.88
N LEU A 231 -15.98 -21.91 47.72
CA LEU A 231 -15.34 -22.16 46.41
C LEU A 231 -14.60 -20.92 45.93
N GLY A 232 -13.31 -21.08 45.65
CA GLY A 232 -12.45 -20.01 45.18
C GLY A 232 -12.55 -19.78 43.69
N ASP A 233 -11.60 -19.04 43.13
CA ASP A 233 -11.60 -18.74 41.69
C ASP A 233 -11.01 -19.89 40.90
N ILE A 234 -11.56 -20.18 39.70
CA ILE A 234 -11.01 -21.22 38.82
C ILE A 234 -9.82 -20.55 38.17
N LEU A 235 -8.63 -20.87 38.71
CA LEU A 235 -7.36 -20.29 38.32
C LEU A 235 -6.72 -21.07 37.17
N PRO A 236 -6.06 -20.38 36.21
CA PRO A 236 -5.43 -21.10 35.08
C PRO A 236 -4.22 -21.88 35.52
N ASN A 237 -4.09 -23.09 35.02
CA ASN A 237 -2.96 -23.95 35.33
C ASN A 237 -2.26 -24.24 34.01
N ALA A 238 -0.93 -24.11 33.95
CA ALA A 238 -0.23 -24.42 32.71
C ALA A 238 -0.08 -25.98 32.58
N ASN A 239 -0.39 -26.61 31.42
CA ASN A 239 -0.86 -26.00 30.17
C ASN A 239 -2.23 -26.58 29.77
N TRP A 240 -3.22 -25.68 29.63
CA TRP A 240 -4.62 -25.95 29.26
C TRP A 240 -5.35 -26.84 30.29
N THR A 241 -4.99 -26.71 31.57
CA THR A 241 -5.63 -27.38 32.69
C THR A 241 -6.05 -26.31 33.69
N TRP A 242 -6.91 -26.64 34.66
CA TRP A 242 -7.39 -25.65 35.62
C TRP A 242 -7.06 -26.01 37.05
N TYR A 243 -7.15 -25.01 37.94
CA TYR A 243 -6.87 -25.13 39.37
C TYR A 243 -8.02 -24.56 40.18
N LEU A 244 -8.40 -25.24 41.28
CA LEU A 244 -9.45 -24.79 42.17
C LEU A 244 -9.22 -25.28 43.62
N ARG A 245 -9.62 -24.45 44.59
CA ARG A 245 -9.61 -24.69 46.03
C ARG A 245 -10.98 -24.40 46.64
N ALA A 246 -11.48 -25.32 47.48
CA ALA A 246 -12.74 -25.16 48.20
C ALA A 246 -12.48 -25.29 49.72
N THR A 247 -12.55 -24.15 50.42
CA THR A 247 -12.27 -24.07 51.85
C THR A 247 -13.52 -24.28 52.73
N LEU A 248 -13.28 -24.62 54.02
CA LEU A 248 -14.31 -24.82 55.03
C LEU A 248 -13.83 -24.41 56.42
N ASP A 249 -14.51 -23.43 57.04
CA ASP A 249 -14.15 -22.95 58.38
C ASP A 249 -15.05 -23.66 59.42
N VAL A 250 -14.43 -24.48 60.31
CA VAL A 250 -15.17 -25.27 61.32
C VAL A 250 -14.45 -25.32 62.69
N ALA A 251 -15.07 -26.03 63.67
CA ALA A 251 -14.54 -26.27 65.02
C ALA A 251 -13.40 -27.31 64.96
N ASP A 252 -12.58 -27.43 66.04
CA ASP A 252 -11.48 -28.39 66.10
C ASP A 252 -11.99 -29.84 66.10
N GLY A 253 -13.11 -30.06 66.80
CA GLY A 253 -13.75 -31.37 66.89
C GLY A 253 -14.57 -31.71 65.67
N GLU A 254 -15.17 -30.67 65.04
CA GLU A 254 -16.05 -30.76 63.85
C GLU A 254 -15.41 -31.45 62.64
N ALA A 255 -14.06 -31.39 62.51
CA ALA A 255 -13.27 -31.96 61.40
C ALA A 255 -13.54 -33.45 61.16
N ALA A 256 -13.74 -34.23 62.24
CA ALA A 256 -14.00 -35.67 62.17
C ALA A 256 -15.22 -35.97 61.32
N GLY A 257 -15.11 -36.99 60.46
CA GLY A 257 -16.18 -37.40 59.56
C GLY A 257 -16.48 -36.44 58.42
N LEU A 258 -15.45 -35.70 57.96
CA LEU A 258 -15.59 -34.76 56.84
C LEU A 258 -14.73 -35.20 55.65
N SER A 259 -15.23 -34.95 54.43
CA SER A 259 -14.55 -35.33 53.20
C SER A 259 -14.76 -34.33 52.08
N CYS A 260 -13.79 -34.22 51.16
CA CYS A 260 -13.92 -33.37 49.98
C CYS A 260 -14.28 -34.27 48.82
N ARG A 261 -15.43 -33.99 48.17
CA ARG A 261 -15.93 -34.75 47.01
C ARG A 261 -15.78 -33.92 45.73
N VAL A 262 -15.13 -34.53 44.72
CA VAL A 262 -14.85 -33.93 43.41
C VAL A 262 -15.58 -34.72 42.32
N LYS A 263 -16.38 -34.02 41.50
CA LYS A 263 -17.11 -34.59 40.35
C LYS A 263 -16.69 -33.83 39.08
N HIS A 264 -16.28 -34.58 38.06
CA HIS A 264 -15.81 -34.04 36.79
C HIS A 264 -16.12 -35.03 35.66
N SER A 265 -16.28 -34.53 34.44
CA SER A 265 -16.57 -35.31 33.23
C SER A 265 -15.57 -36.45 32.96
N SER A 266 -14.28 -36.21 33.24
CA SER A 266 -13.17 -37.15 33.05
C SER A 266 -13.21 -38.33 34.02
N LEU A 267 -13.84 -38.13 35.20
CA LEU A 267 -13.90 -39.11 36.30
C LEU A 267 -14.79 -40.33 36.02
N GLU A 268 -15.74 -40.21 35.07
CA GLU A 268 -16.66 -41.26 34.57
C GLU A 268 -17.34 -42.07 35.67
N GLY A 269 -18.11 -41.39 36.52
CA GLY A 269 -18.84 -42.03 37.62
C GLY A 269 -18.07 -42.13 38.92
N GLN A 270 -16.78 -42.56 38.87
CA GLN A 270 -15.92 -42.71 40.05
C GLN A 270 -15.38 -41.33 40.48
N ASP A 271 -16.09 -40.69 41.41
CA ASP A 271 -15.75 -39.37 41.93
C ASP A 271 -14.60 -39.44 42.94
N ILE A 272 -13.80 -38.37 43.00
CA ILE A 272 -12.68 -38.28 43.94
C ILE A 272 -13.27 -37.96 45.30
N ILE A 273 -13.12 -38.89 46.25
CA ILE A 273 -13.61 -38.71 47.62
C ILE A 273 -12.40 -38.78 48.55
N LEU A 274 -12.02 -37.63 49.14
CA LEU A 274 -10.88 -37.56 50.08
C LEU A 274 -11.37 -37.25 51.48
N TYR A 275 -11.08 -38.13 52.44
CA TYR A 275 -11.48 -37.96 53.83
C TYR A 275 -10.43 -37.20 54.62
N TRP A 276 -10.88 -36.40 55.63
CA TRP A 276 -10.13 -35.57 56.61
C TRP A 276 -10.59 -34.11 56.52
N ILE B 1 -10.00 5.69 34.47
CA ILE B 1 -10.26 4.56 35.35
C ILE B 1 -8.97 3.77 35.62
N GLN B 2 -8.91 3.13 36.81
CA GLN B 2 -7.77 2.30 37.25
C GLN B 2 -8.26 1.15 38.14
N ARG B 3 -7.52 0.03 38.15
CA ARG B 3 -7.84 -1.17 38.92
C ARG B 3 -6.59 -1.78 39.52
N THR B 4 -6.69 -2.25 40.78
CA THR B 4 -5.58 -2.82 41.55
C THR B 4 -5.46 -4.36 41.33
N PRO B 5 -4.21 -4.87 41.17
CA PRO B 5 -4.02 -6.31 40.92
C PRO B 5 -4.43 -7.25 42.06
N LYS B 6 -5.15 -8.33 41.68
CA LYS B 6 -5.51 -9.41 42.59
C LYS B 6 -4.49 -10.51 42.38
N ILE B 7 -3.57 -10.68 43.35
CA ILE B 7 -2.49 -11.67 43.29
C ILE B 7 -2.93 -12.95 44.03
N GLN B 8 -2.75 -14.12 43.39
CA GLN B 8 -3.10 -15.45 43.92
C GLN B 8 -1.96 -16.41 43.61
N VAL B 9 -1.17 -16.75 44.64
CA VAL B 9 0.00 -17.63 44.53
C VAL B 9 -0.41 -19.07 44.87
N TYR B 10 0.11 -20.06 44.08
CA TYR B 10 -0.23 -21.48 44.22
C TYR B 10 0.72 -22.39 43.44
N SER B 11 0.94 -23.61 43.96
CA SER B 11 1.78 -24.62 43.29
C SER B 11 0.91 -25.49 42.39
N ARG B 12 1.51 -26.08 41.35
CA ARG B 12 0.82 -26.98 40.43
C ARG B 12 0.40 -28.26 41.16
N HIS B 13 1.32 -28.90 41.91
CA HIS B 13 1.09 -30.14 42.66
C HIS B 13 1.27 -29.96 44.17
N PRO B 14 0.79 -30.89 45.03
CA PRO B 14 1.02 -30.73 46.49
C PRO B 14 2.50 -30.64 46.84
N ALA B 15 2.84 -29.79 47.85
CA ALA B 15 4.21 -29.56 48.27
C ALA B 15 4.82 -30.81 48.92
N GLU B 16 5.92 -31.28 48.33
CA GLU B 16 6.73 -32.42 48.76
C GLU B 16 8.19 -32.04 48.59
N ASN B 17 8.88 -31.79 49.73
CA ASN B 17 10.28 -31.33 49.84
C ASN B 17 11.26 -32.26 49.13
N GLY B 18 12.01 -31.67 48.19
CA GLY B 18 13.00 -32.38 47.38
C GLY B 18 12.44 -33.01 46.12
N LYS B 19 11.29 -32.50 45.63
CA LYS B 19 10.62 -33.01 44.44
C LYS B 19 10.20 -31.84 43.55
N SER B 20 10.69 -31.83 42.29
CA SER B 20 10.41 -30.79 41.28
C SER B 20 8.92 -30.45 41.20
N ASN B 21 8.61 -29.13 41.12
CA ASN B 21 7.25 -28.61 41.07
C ASN B 21 7.17 -27.33 40.20
N PHE B 22 6.03 -26.65 40.22
CA PHE B 22 5.80 -25.40 39.51
C PHE B 22 5.03 -24.45 40.39
N LEU B 23 5.52 -23.20 40.51
CA LEU B 23 4.84 -22.18 41.30
C LEU B 23 4.22 -21.17 40.35
N ASN B 24 2.96 -20.82 40.61
CA ASN B 24 2.19 -19.91 39.80
C ASN B 24 1.80 -18.67 40.58
N CYS B 25 1.67 -17.54 39.87
CA CYS B 25 1.22 -16.27 40.41
C CYS B 25 0.25 -15.70 39.40
N TYR B 26 -1.03 -15.81 39.71
CA TYR B 26 -2.08 -15.33 38.82
C TYR B 26 -2.49 -13.93 39.25
N VAL B 27 -2.17 -12.93 38.39
CA VAL B 27 -2.48 -11.50 38.56
C VAL B 27 -3.69 -11.24 37.69
N SER B 28 -4.87 -10.86 38.27
CA SER B 28 -6.09 -10.82 37.45
C SER B 28 -7.08 -9.66 37.64
N GLY B 29 -6.64 -8.50 38.07
CA GLY B 29 -7.63 -7.44 38.22
C GLY B 29 -7.19 -6.05 37.82
N PHE B 30 -5.93 -5.90 37.42
CA PHE B 30 -5.29 -4.64 37.13
C PHE B 30 -5.66 -3.96 35.81
N HIS B 31 -5.31 -2.67 35.78
CA HIS B 31 -5.41 -1.64 34.75
C HIS B 31 -4.54 -0.45 35.17
N PRO B 32 -3.60 0.08 34.35
CA PRO B 32 -3.24 -0.31 32.96
C PRO B 32 -2.46 -1.64 32.90
N SER B 33 -2.18 -2.13 31.69
CA SER B 33 -1.47 -3.39 31.43
C SER B 33 -0.05 -3.40 32.01
N ASP B 34 0.61 -2.22 32.08
CA ASP B 34 1.97 -2.09 32.60
C ASP B 34 1.98 -2.59 34.03
N ILE B 35 2.86 -3.54 34.30
CA ILE B 35 3.01 -4.21 35.60
C ILE B 35 4.39 -4.86 35.70
N GLU B 36 4.87 -5.06 36.93
CA GLU B 36 6.12 -5.76 37.19
C GLU B 36 5.80 -6.91 38.14
N VAL B 37 6.08 -8.14 37.73
CA VAL B 37 5.79 -9.32 38.55
C VAL B 37 7.05 -10.16 38.65
N ASP B 38 7.51 -10.37 39.88
CA ASP B 38 8.70 -11.16 40.15
C ASP B 38 8.35 -12.30 41.07
N LEU B 39 8.84 -13.49 40.76
CA LEU B 39 8.69 -14.67 41.62
C LEU B 39 10.02 -14.78 42.33
N LEU B 40 10.00 -14.77 43.67
CA LEU B 40 11.24 -14.75 44.42
C LEU B 40 11.46 -15.99 45.27
N LYS B 41 12.72 -16.45 45.32
CA LYS B 41 13.19 -17.54 46.15
C LYS B 41 14.08 -16.91 47.23
N ASN B 42 13.55 -16.83 48.48
CA ASN B 42 14.22 -16.24 49.65
C ASN B 42 14.56 -14.75 49.39
N GLY B 43 13.60 -14.02 48.82
CA GLY B 43 13.74 -12.59 48.48
C GLY B 43 14.54 -12.28 47.24
N GLU B 44 15.17 -13.30 46.64
CA GLU B 44 16.00 -13.20 45.44
C GLU B 44 15.17 -13.59 44.20
N ARG B 45 15.05 -12.65 43.24
CA ARG B 45 14.30 -12.79 41.99
C ARG B 45 14.77 -13.99 41.20
N ILE B 46 13.82 -14.81 40.72
CA ILE B 46 14.14 -15.98 39.94
C ILE B 46 14.31 -15.55 38.48
N GLU B 47 15.48 -15.87 37.90
CA GLU B 47 15.88 -15.51 36.54
C GLU B 47 15.01 -16.20 35.48
N LYS B 48 14.78 -17.53 35.64
CA LYS B 48 13.99 -18.32 34.71
C LYS B 48 12.49 -18.32 35.09
N VAL B 49 11.81 -17.17 34.90
CA VAL B 49 10.38 -16.99 35.15
C VAL B 49 9.70 -16.63 33.83
N GLU B 50 8.84 -17.54 33.35
CA GLU B 50 8.06 -17.37 32.12
C GLU B 50 6.66 -16.87 32.47
N HIS B 51 5.98 -16.27 31.49
CA HIS B 51 4.63 -15.77 31.69
C HIS B 51 3.78 -15.87 30.40
N SER B 52 2.46 -15.76 30.57
CA SER B 52 1.50 -15.82 29.47
C SER B 52 1.40 -14.48 28.73
N ASP B 53 0.92 -14.52 27.49
CA ASP B 53 0.68 -13.30 26.71
C ASP B 53 -0.44 -12.51 27.36
N LEU B 54 -0.37 -11.17 27.28
CA LEU B 54 -1.38 -10.30 27.89
C LEU B 54 -2.76 -10.57 27.32
N SER B 55 -3.72 -10.83 28.24
CA SER B 55 -5.12 -11.05 27.96
C SER B 55 -5.98 -10.23 28.92
N PHE B 56 -7.30 -10.15 28.65
CA PHE B 56 -8.22 -9.39 29.48
C PHE B 56 -9.60 -10.03 29.50
N SER B 57 -10.36 -9.76 30.58
CA SER B 57 -11.71 -10.28 30.82
C SER B 57 -12.78 -9.38 30.19
N LYS B 58 -14.10 -9.73 30.35
CA LYS B 58 -15.25 -8.99 29.81
C LYS B 58 -15.40 -7.57 30.41
N ASP B 59 -14.72 -7.27 31.53
CA ASP B 59 -14.74 -5.96 32.18
C ASP B 59 -13.48 -5.14 31.79
N TRP B 60 -12.72 -5.64 30.78
CA TRP B 60 -11.50 -5.05 30.19
C TRP B 60 -10.27 -5.06 31.13
N SER B 61 -10.37 -5.63 32.36
CA SER B 61 -9.20 -5.71 33.24
C SER B 61 -8.33 -6.89 32.80
N PHE B 62 -7.01 -6.74 32.98
CA PHE B 62 -6.02 -7.71 32.53
C PHE B 62 -5.69 -8.82 33.50
N TYR B 63 -5.35 -10.00 32.92
CA TYR B 63 -4.85 -11.12 33.67
C TYR B 63 -3.53 -11.59 33.06
N LEU B 64 -2.69 -12.21 33.88
CA LEU B 64 -1.37 -12.69 33.56
C LEU B 64 -1.03 -13.88 34.46
N LEU B 65 -0.36 -14.90 33.92
CA LEU B 65 0.09 -16.05 34.71
C LEU B 65 1.59 -16.05 34.70
N TYR B 66 2.19 -16.12 35.88
CA TYR B 66 3.64 -16.18 36.02
C TYR B 66 3.97 -17.51 36.64
N TYR B 67 4.95 -18.23 36.09
CA TYR B 67 5.28 -19.57 36.56
C TYR B 67 6.76 -19.91 36.35
N THR B 68 7.28 -20.88 37.12
CA THR B 68 8.68 -21.35 37.08
C THR B 68 8.85 -22.73 37.69
N GLU B 69 9.77 -23.55 37.12
CA GLU B 69 10.11 -24.87 37.66
C GLU B 69 10.96 -24.63 38.90
N PHE B 70 10.62 -25.30 40.00
CA PHE B 70 11.31 -25.09 41.28
C PHE B 70 11.26 -26.32 42.16
N THR B 71 12.25 -26.50 43.05
CA THR B 71 12.24 -27.60 43.99
C THR B 71 11.98 -27.01 45.37
N PRO B 72 10.79 -27.25 45.97
CA PRO B 72 10.53 -26.69 47.29
C PRO B 72 11.19 -27.50 48.40
N THR B 73 11.34 -26.85 49.57
CA THR B 73 11.86 -27.40 50.82
C THR B 73 11.41 -26.47 51.97
N GLU B 74 11.54 -26.96 53.22
CA GLU B 74 11.17 -26.26 54.46
C GLU B 74 12.08 -25.05 54.67
N LYS B 75 13.39 -25.22 54.38
CA LYS B 75 14.44 -24.22 54.48
C LYS B 75 14.16 -23.04 53.53
N ASP B 76 13.83 -23.34 52.26
CA ASP B 76 13.57 -22.34 51.24
C ASP B 76 12.16 -21.74 51.34
N GLU B 77 12.08 -20.45 51.01
CA GLU B 77 10.88 -19.62 51.03
C GLU B 77 10.64 -19.05 49.63
N TYR B 78 9.36 -18.96 49.20
CA TYR B 78 8.97 -18.45 47.88
C TYR B 78 7.78 -17.50 47.99
N ALA B 79 7.82 -16.40 47.24
CA ALA B 79 6.77 -15.39 47.21
C ALA B 79 6.67 -14.73 45.83
N CYS B 80 5.57 -13.97 45.60
CA CYS B 80 5.33 -13.27 44.36
C CYS B 80 5.22 -11.78 44.65
N ARG B 81 6.25 -11.03 44.21
CA ARG B 81 6.32 -9.58 44.36
C ARG B 81 5.72 -8.92 43.11
N VAL B 82 4.60 -8.17 43.28
CA VAL B 82 3.92 -7.50 42.18
C VAL B 82 3.97 -5.99 42.41
N ASN B 83 4.53 -5.25 41.43
CA ASN B 83 4.64 -3.80 41.46
C ASN B 83 3.80 -3.21 40.31
N HIS B 84 2.86 -2.33 40.67
CA HIS B 84 1.91 -1.68 39.77
C HIS B 84 1.73 -0.19 40.17
N VAL B 85 1.05 0.60 39.30
CA VAL B 85 0.78 2.02 39.48
C VAL B 85 -0.19 2.24 40.68
N THR B 86 -1.18 1.33 40.85
CA THR B 86 -2.17 1.44 41.95
C THR B 86 -1.57 1.00 43.31
N LEU B 87 -0.30 0.57 43.32
CA LEU B 87 0.38 0.12 44.55
C LEU B 87 1.51 1.09 44.93
N SER B 88 1.40 1.64 46.16
CA SER B 88 2.32 2.58 46.79
C SER B 88 3.72 1.98 46.95
N GLN B 89 3.78 0.64 47.13
CA GLN B 89 4.99 -0.16 47.30
C GLN B 89 4.76 -1.56 46.70
N PRO B 90 5.81 -2.32 46.27
CA PRO B 90 5.58 -3.67 45.71
C PRO B 90 4.84 -4.60 46.68
N LYS B 91 3.69 -5.15 46.23
CA LYS B 91 2.81 -6.04 46.99
C LYS B 91 3.32 -7.49 46.90
N ILE B 92 4.04 -7.92 47.97
CA ILE B 92 4.62 -9.26 48.06
C ILE B 92 3.56 -10.22 48.64
N VAL B 93 3.20 -11.26 47.87
CA VAL B 93 2.23 -12.28 48.29
C VAL B 93 2.99 -13.59 48.44
N LYS B 94 3.10 -14.07 49.69
CA LYS B 94 3.84 -15.27 50.07
C LYS B 94 3.05 -16.55 49.78
N TRP B 95 3.81 -17.64 49.55
CA TRP B 95 3.25 -18.96 49.26
C TRP B 95 3.24 -19.82 50.52
N ASP B 96 2.02 -20.23 50.95
CA ASP B 96 1.79 -21.09 52.11
C ASP B 96 1.37 -22.50 51.62
N ARG B 97 1.89 -23.56 52.26
CA ARG B 97 1.57 -24.94 51.91
C ARG B 97 0.64 -25.60 52.96
N LYS C 3 -5.07 -8.11 -12.69
CA LYS C 3 -5.96 -9.02 -13.41
C LYS C 3 -7.06 -8.22 -14.14
N THR C 4 -6.70 -7.00 -14.57
CA THR C 4 -7.63 -6.16 -15.30
C THR C 4 -7.40 -6.34 -16.79
N THR C 5 -8.48 -6.25 -17.57
CA THR C 5 -8.39 -6.31 -19.01
C THR C 5 -9.10 -5.08 -19.56
N GLN C 6 -8.44 -4.40 -20.52
CA GLN C 6 -8.91 -3.18 -21.17
C GLN C 6 -8.57 -3.21 -22.64
N PRO C 7 -9.41 -2.65 -23.56
CA PRO C 7 -9.03 -2.58 -24.99
C PRO C 7 -7.71 -1.85 -25.21
N PRO C 8 -6.78 -2.35 -26.07
CA PRO C 8 -5.46 -1.68 -26.23
C PRO C 8 -5.52 -0.26 -26.80
N SER C 9 -6.53 0.03 -27.66
CA SER C 9 -6.73 1.33 -28.30
C SER C 9 -8.17 1.77 -28.26
N MET C 10 -8.41 3.09 -28.37
CA MET C 10 -9.74 3.69 -28.41
C MET C 10 -9.70 5.08 -29.04
N ASP C 11 -10.53 5.29 -30.07
CA ASP C 11 -10.70 6.58 -30.73
C ASP C 11 -11.95 7.24 -30.21
N CYS C 12 -11.85 8.51 -29.88
CA CYS C 12 -12.95 9.30 -29.36
C CYS C 12 -12.98 10.63 -30.07
N ALA C 13 -14.17 11.14 -30.36
CA ALA C 13 -14.30 12.44 -31.02
C ALA C 13 -14.17 13.54 -29.98
N GLU C 14 -13.46 14.62 -30.33
CA GLU C 14 -13.26 15.77 -29.46
C GLU C 14 -14.62 16.41 -29.11
N GLY C 15 -14.81 16.70 -27.83
CA GLY C 15 -16.05 17.27 -27.31
C GLY C 15 -17.04 16.24 -26.80
N ARG C 16 -16.94 14.99 -27.28
CA ARG C 16 -17.84 13.90 -26.87
C ARG C 16 -17.38 13.25 -25.55
N ALA C 17 -18.21 12.32 -25.02
CA ALA C 17 -17.89 11.57 -23.82
C ALA C 17 -17.07 10.34 -24.17
N ALA C 18 -16.03 10.11 -23.38
CA ALA C 18 -15.15 8.96 -23.56
C ALA C 18 -15.47 7.94 -22.47
N ASN C 19 -15.98 6.76 -22.87
CA ASN C 19 -16.30 5.69 -21.91
C ASN C 19 -15.21 4.68 -22.02
N LEU C 20 -14.38 4.60 -20.98
CA LEU C 20 -13.21 3.73 -20.97
C LEU C 20 -13.52 2.48 -20.15
N PRO C 21 -13.69 1.31 -20.81
CA PRO C 21 -14.05 0.09 -20.07
C PRO C 21 -12.85 -0.65 -19.49
N CYS C 22 -13.11 -1.34 -18.38
CA CYS C 22 -12.13 -2.14 -17.63
C CYS C 22 -12.83 -3.35 -17.03
N ASN C 23 -12.28 -4.55 -17.24
CA ASN C 23 -12.83 -5.80 -16.73
C ASN C 23 -11.95 -6.40 -15.66
N HIS C 24 -12.58 -6.83 -14.54
CA HIS C 24 -11.93 -7.51 -13.43
C HIS C 24 -12.93 -8.46 -12.80
N SER C 25 -12.61 -9.79 -12.82
CA SER C 25 -13.44 -10.91 -12.33
C SER C 25 -14.10 -10.72 -10.94
N THR C 26 -13.34 -10.20 -9.97
CA THR C 26 -13.85 -10.10 -8.62
C THR C 26 -14.36 -8.68 -8.29
N ILE C 27 -13.41 -7.74 -8.02
CA ILE C 27 -13.60 -6.39 -7.48
C ILE C 27 -14.43 -6.54 -6.18
N SER C 28 -13.79 -7.21 -5.19
CA SER C 28 -14.28 -7.46 -3.83
C SER C 28 -14.76 -6.19 -3.17
N GLY C 29 -15.55 -6.32 -2.11
CA GLY C 29 -16.04 -5.19 -1.33
C GLY C 29 -14.97 -4.21 -0.91
N ASN C 30 -13.73 -4.73 -0.71
CA ASN C 30 -12.57 -3.93 -0.33
C ASN C 30 -11.47 -3.83 -1.46
N GLU C 31 -11.66 -4.45 -2.67
CA GLU C 31 -10.79 -4.26 -3.84
C GLU C 31 -11.20 -2.85 -4.38
N TYR C 32 -10.24 -1.91 -4.60
CA TYR C 32 -10.53 -0.57 -5.15
C TYR C 32 -10.42 -0.57 -6.64
N VAL C 33 -10.84 0.55 -7.27
CA VAL C 33 -10.62 0.74 -8.70
C VAL C 33 -9.97 2.11 -8.86
N TYR C 34 -8.69 2.12 -9.26
CA TYR C 34 -7.97 3.36 -9.50
C TYR C 34 -7.72 3.53 -10.97
N TRP C 35 -7.91 4.75 -11.47
CA TRP C 35 -7.58 5.07 -12.85
C TRP C 35 -6.41 6.07 -12.88
N TYR C 36 -5.41 5.79 -13.71
CA TYR C 36 -4.26 6.66 -13.92
C TYR C 36 -4.18 7.05 -15.41
N ARG C 37 -3.60 8.21 -15.69
CA ARG C 37 -3.40 8.75 -17.02
C ARG C 37 -1.90 8.90 -17.23
N GLN C 38 -1.41 8.59 -18.46
CA GLN C 38 0.02 8.73 -18.76
C GLN C 38 0.24 9.36 -20.14
N ILE C 39 0.84 10.58 -20.16
CA ILE C 39 1.20 11.35 -21.36
C ILE C 39 2.63 10.93 -21.76
N HIS C 40 3.01 11.12 -23.05
CA HIS C 40 4.35 10.84 -23.60
C HIS C 40 5.46 11.49 -22.75
N SER C 41 6.55 10.73 -22.48
CA SER C 41 7.75 11.12 -21.70
C SER C 41 7.41 11.63 -20.26
N GLN C 42 6.34 11.05 -19.67
CA GLN C 42 5.87 11.40 -18.33
C GLN C 42 5.45 10.16 -17.53
N GLY C 43 5.33 10.31 -16.23
CA GLY C 43 4.89 9.28 -15.30
C GLY C 43 3.39 9.35 -15.08
N PRO C 44 2.77 8.20 -14.70
CA PRO C 44 1.32 8.18 -14.50
C PRO C 44 0.80 9.15 -13.43
N GLN C 45 -0.40 9.70 -13.66
CA GLN C 45 -1.08 10.65 -12.76
C GLN C 45 -2.46 10.14 -12.40
N TYR C 46 -2.81 10.24 -11.12
CA TYR C 46 -4.09 9.80 -10.59
C TYR C 46 -5.24 10.63 -11.18
N ILE C 47 -6.36 9.96 -11.54
CA ILE C 47 -7.56 10.60 -12.11
C ILE C 47 -8.67 10.53 -11.08
N ILE C 48 -9.13 9.30 -10.76
CA ILE C 48 -10.20 9.00 -9.81
C ILE C 48 -10.04 7.56 -9.25
N HIS C 49 -10.70 7.28 -8.12
CA HIS C 49 -10.78 5.97 -7.47
C HIS C 49 -12.16 5.78 -6.81
N GLY C 50 -12.45 4.54 -6.46
CA GLY C 50 -13.69 4.16 -5.79
C GLY C 50 -13.78 2.68 -5.52
N LEU C 51 -14.17 2.31 -4.30
CA LEU C 51 -14.29 0.89 -3.96
C LEU C 51 -15.73 0.42 -4.04
N LYS C 52 -16.72 1.33 -3.95
CA LYS C 52 -18.13 0.96 -3.99
C LYS C 52 -18.95 2.05 -4.69
N ASN C 53 -19.10 3.20 -4.00
CA ASN C 53 -19.87 4.34 -4.47
C ASN C 53 -19.20 4.94 -5.70
N ASN C 54 -20.03 5.14 -6.74
CA ASN C 54 -19.64 5.72 -8.00
C ASN C 54 -19.26 7.17 -7.71
N GLU C 55 -18.03 7.56 -8.08
CA GLU C 55 -17.51 8.89 -7.77
C GLU C 55 -17.61 9.83 -8.98
N THR C 56 -17.79 11.14 -8.70
CA THR C 56 -17.92 12.22 -9.69
C THR C 56 -17.04 13.41 -9.25
N ASN C 57 -15.74 13.38 -9.61
CA ASN C 57 -14.81 14.47 -9.29
C ASN C 57 -14.77 15.50 -10.45
N GLU C 58 -14.00 16.60 -10.28
CA GLU C 58 -13.87 17.72 -11.22
C GLU C 58 -13.27 17.36 -12.60
N MET C 59 -12.59 16.18 -12.75
CA MET C 59 -12.00 15.81 -14.05
C MET C 59 -12.79 14.67 -14.74
N ALA C 60 -13.17 13.62 -14.00
CA ALA C 60 -13.88 12.49 -14.58
C ALA C 60 -14.90 11.87 -13.62
N SER C 61 -15.60 10.83 -14.08
CA SER C 61 -16.59 10.10 -13.28
C SER C 61 -16.36 8.58 -13.38
N LEU C 62 -16.40 7.90 -12.24
CA LEU C 62 -16.20 6.45 -12.18
C LEU C 62 -17.52 5.73 -11.90
N ILE C 63 -17.85 4.70 -12.72
CA ILE C 63 -19.05 3.90 -12.48
C ILE C 63 -18.63 2.42 -12.34
N ILE C 64 -18.90 1.85 -11.14
CA ILE C 64 -18.63 0.43 -10.89
C ILE C 64 -19.97 -0.25 -11.04
N THR C 65 -20.02 -1.35 -11.80
CA THR C 65 -21.27 -2.08 -12.00
C THR C 65 -21.68 -2.67 -10.64
N GLU C 66 -22.99 -2.76 -10.37
CA GLU C 66 -23.51 -3.32 -9.12
C GLU C 66 -23.15 -4.81 -9.07
N ASP C 67 -22.89 -5.38 -10.26
CA ASP C 67 -22.42 -6.73 -10.54
C ASP C 67 -20.96 -6.87 -10.11
N ARG C 68 -20.19 -5.74 -10.17
CA ARG C 68 -18.78 -5.55 -9.75
C ARG C 68 -17.77 -6.29 -10.61
N LYS C 69 -18.11 -6.70 -11.84
CA LYS C 69 -17.09 -7.44 -12.62
C LYS C 69 -16.52 -6.60 -13.76
N SER C 70 -16.84 -5.30 -13.75
CA SER C 70 -16.38 -4.33 -14.74
C SER C 70 -16.61 -2.93 -14.20
N SER C 71 -15.77 -2.00 -14.68
CA SER C 71 -15.78 -0.59 -14.35
C SER C 71 -15.63 0.22 -15.64
N THR C 72 -16.08 1.49 -15.60
CA THR C 72 -15.99 2.40 -16.73
C THR C 72 -15.64 3.81 -16.25
N LEU C 73 -14.61 4.40 -16.89
CA LEU C 73 -14.15 5.77 -16.63
C LEU C 73 -14.81 6.70 -17.65
N ILE C 74 -15.52 7.73 -17.15
CA ILE C 74 -16.23 8.66 -17.99
C ILE C 74 -15.53 10.00 -18.02
N LEU C 75 -15.14 10.43 -19.23
CA LEU C 75 -14.60 11.74 -19.53
C LEU C 75 -15.76 12.46 -20.20
N PRO C 76 -16.46 13.39 -19.49
CA PRO C 76 -17.68 14.00 -20.05
C PRO C 76 -17.48 14.66 -21.41
N HIS C 77 -16.48 15.53 -21.54
CA HIS C 77 -16.17 16.19 -22.79
C HIS C 77 -14.69 16.06 -23.02
N ALA C 78 -14.33 15.20 -23.97
CA ALA C 78 -12.94 14.89 -24.28
C ALA C 78 -12.25 16.08 -24.94
N THR C 79 -11.10 16.48 -24.39
CA THR C 79 -10.27 17.57 -24.92
C THR C 79 -9.04 16.94 -25.58
N LEU C 80 -8.20 17.73 -26.26
CA LEU C 80 -7.00 17.20 -26.93
C LEU C 80 -5.97 16.73 -25.90
N ARG C 81 -5.95 17.44 -24.76
CA ARG C 81 -5.13 17.24 -23.57
C ARG C 81 -5.48 15.89 -22.90
N ASP C 82 -6.55 15.20 -23.36
CA ASP C 82 -7.01 13.91 -22.82
C ASP C 82 -6.45 12.70 -23.58
N THR C 83 -5.59 12.94 -24.58
CA THR C 83 -4.96 11.91 -25.38
C THR C 83 -3.83 11.38 -24.52
N ALA C 84 -4.03 10.18 -24.00
CA ALA C 84 -3.10 9.50 -23.09
C ALA C 84 -3.43 8.03 -22.99
N VAL C 85 -2.55 7.27 -22.33
CA VAL C 85 -2.76 5.87 -22.02
C VAL C 85 -3.46 5.86 -20.67
N TYR C 86 -4.65 5.25 -20.62
CA TYR C 86 -5.46 5.16 -19.41
C TYR C 86 -5.34 3.77 -18.83
N TYR C 87 -4.91 3.73 -17.58
CA TYR C 87 -4.68 2.51 -16.83
C TYR C 87 -5.76 2.29 -15.80
N CYS C 88 -6.27 1.07 -15.75
CA CYS C 88 -7.25 0.64 -14.76
C CYS C 88 -6.54 -0.33 -13.84
N ILE C 89 -6.50 0.02 -12.53
CA ILE C 89 -5.82 -0.83 -11.56
C ILE C 89 -6.80 -1.15 -10.44
N VAL C 90 -6.71 -2.38 -9.91
CA VAL C 90 -7.47 -2.87 -8.77
C VAL C 90 -6.51 -2.98 -7.58
N ARG C 91 -6.95 -2.53 -6.38
CA ARG C 91 -6.08 -2.62 -5.23
C ARG C 91 -6.87 -2.99 -3.99
N VAL C 92 -6.58 -4.17 -3.43
CA VAL C 92 -7.21 -4.63 -2.18
C VAL C 92 -6.79 -3.64 -1.09
N ALA C 93 -7.77 -3.04 -0.40
CA ALA C 93 -7.62 -2.00 0.61
C ALA C 93 -6.27 -2.04 1.37
N TYR C 94 -5.92 -3.14 2.04
CA TYR C 94 -4.69 -3.30 2.85
C TYR C 94 -3.39 -3.49 2.03
N ARG C 95 -3.47 -3.81 0.73
CA ARG C 95 -2.30 -3.97 -0.14
C ARG C 95 -1.77 -2.61 -0.60
N GLN C 96 -0.45 -2.48 -0.72
CA GLN C 96 0.17 -1.24 -1.14
C GLN C 96 0.64 -1.33 -2.58
N LYS C 97 1.10 -2.53 -3.01
CA LYS C 97 1.61 -2.79 -4.35
C LYS C 97 0.51 -2.57 -5.39
N VAL C 98 0.81 -1.75 -6.41
CA VAL C 98 -0.09 -1.39 -7.51
C VAL C 98 0.52 -1.94 -8.82
N THR C 99 -0.23 -2.81 -9.47
CA THR C 99 0.15 -3.48 -10.72
C THR C 99 -0.55 -2.77 -11.87
N PHE C 100 0.21 -2.43 -12.90
CA PHE C 100 -0.29 -1.79 -14.12
C PHE C 100 -0.29 -2.81 -15.26
N GLY C 101 -1.33 -2.77 -16.08
CA GLY C 101 -1.45 -3.61 -17.27
C GLY C 101 -0.90 -2.85 -18.46
N THR C 102 -1.41 -3.17 -19.68
CA THR C 102 -0.97 -2.47 -20.89
C THR C 102 -1.82 -1.18 -21.09
N GLY C 103 -3.02 -1.15 -20.54
CA GLY C 103 -3.91 0.00 -20.61
C GLY C 103 -4.55 0.26 -21.97
N THR C 104 -5.29 1.38 -22.05
CA THR C 104 -6.02 1.84 -23.23
C THR C 104 -5.37 3.11 -23.80
N LYS C 105 -5.03 3.07 -25.09
CA LYS C 105 -4.49 4.23 -25.78
C LYS C 105 -5.68 5.04 -26.30
N LEU C 106 -6.03 6.14 -25.61
CA LEU C 106 -7.13 7.00 -26.02
C LEU C 106 -6.58 8.03 -26.97
N GLN C 107 -7.20 8.10 -28.15
CA GLN C 107 -6.88 9.01 -29.24
C GLN C 107 -8.04 9.97 -29.41
N VAL C 108 -7.90 11.22 -28.91
CA VAL C 108 -8.95 12.24 -29.05
C VAL C 108 -8.78 12.88 -30.43
N ILE C 109 -9.64 12.50 -31.37
CA ILE C 109 -9.66 12.96 -32.76
C ILE C 109 -10.10 14.45 -32.80
N PRO C 110 -9.22 15.40 -33.20
CA PRO C 110 -9.64 16.81 -33.24
C PRO C 110 -10.76 17.08 -34.24
N ASN C 111 -11.70 17.96 -33.85
CA ASN C 111 -12.81 18.38 -34.70
C ASN C 111 -12.39 19.63 -35.48
N ILE C 112 -12.09 19.45 -36.78
CA ILE C 112 -11.67 20.49 -37.72
C ILE C 112 -12.94 21.06 -38.37
N GLN C 113 -13.36 22.26 -37.90
CA GLN C 113 -14.59 22.96 -38.30
C GLN C 113 -14.56 23.46 -39.74
N ASN C 114 -13.46 24.10 -40.15
CA ASN C 114 -13.35 24.68 -41.48
C ASN C 114 -11.99 24.32 -42.12
N PRO C 115 -11.84 23.08 -42.63
CA PRO C 115 -10.57 22.73 -43.25
C PRO C 115 -10.38 23.29 -44.65
N ASP C 116 -9.19 23.82 -44.93
CA ASP C 116 -8.79 24.25 -46.26
C ASP C 116 -7.44 23.54 -46.48
N PRO C 117 -7.52 22.20 -46.82
CA PRO C 117 -6.28 21.42 -47.03
C PRO C 117 -5.38 22.11 -48.04
N ALA C 118 -4.07 22.10 -47.76
CA ALA C 118 -3.08 22.76 -48.63
C ALA C 118 -1.71 22.22 -48.39
N VAL C 119 -0.77 22.43 -49.35
CA VAL C 119 0.62 22.02 -49.24
C VAL C 119 1.49 23.26 -49.53
N TYR C 120 2.14 23.78 -48.48
CA TYR C 120 2.97 24.97 -48.56
C TYR C 120 4.45 24.64 -48.48
N GLN C 121 5.29 25.46 -49.15
CA GLN C 121 6.74 25.31 -49.14
C GLN C 121 7.36 26.38 -48.24
N LEU C 122 8.20 25.94 -47.29
CA LEU C 122 8.88 26.79 -46.31
C LEU C 122 10.39 26.81 -46.58
N ARG C 123 10.99 27.99 -46.42
CA ARG C 123 12.40 28.31 -46.66
C ARG C 123 13.24 28.39 -45.38
N ASP C 124 14.52 27.98 -45.43
CA ASP C 124 15.42 28.04 -44.27
C ASP C 124 15.92 29.46 -44.05
N SER C 125 15.99 29.86 -42.76
CA SER C 125 16.46 31.16 -42.30
C SER C 125 17.95 31.38 -42.58
N LYS C 126 18.78 30.30 -42.50
CA LYS C 126 20.22 30.38 -42.69
C LYS C 126 20.77 29.55 -43.88
N SER C 127 19.94 29.27 -44.92
CA SER C 127 20.43 28.47 -46.05
C SER C 127 19.70 28.73 -47.39
N SER C 128 20.32 28.24 -48.49
CA SER C 128 19.86 28.34 -49.88
C SER C 128 19.22 27.03 -50.34
N ASP C 129 17.91 27.11 -50.69
CA ASP C 129 16.99 26.06 -51.12
C ASP C 129 17.07 24.78 -50.24
N LYS C 130 17.10 25.01 -48.91
CA LYS C 130 16.96 24.02 -47.85
C LYS C 130 15.53 24.17 -47.47
N SER C 131 14.69 23.23 -47.89
CA SER C 131 13.27 23.45 -47.70
C SER C 131 12.52 22.25 -47.16
N VAL C 132 11.31 22.55 -46.64
CA VAL C 132 10.35 21.59 -46.12
C VAL C 132 9.03 21.86 -46.83
N CYS C 133 8.18 20.84 -46.89
CA CYS C 133 6.84 20.88 -47.44
C CYS C 133 5.90 20.59 -46.30
N LEU C 134 4.92 21.46 -46.11
CA LEU C 134 3.97 21.35 -45.00
C LEU C 134 2.53 21.12 -45.50
N PHE C 135 2.01 19.92 -45.25
CA PHE C 135 0.64 19.57 -45.58
C PHE C 135 -0.16 19.93 -44.36
N THR C 136 -0.95 21.00 -44.44
CA THR C 136 -1.71 21.49 -43.28
C THR C 136 -3.20 21.70 -43.57
N ASP C 137 -3.96 21.99 -42.50
CA ASP C 137 -5.37 22.37 -42.41
C ASP C 137 -6.36 21.32 -42.91
N PHE C 138 -5.94 20.06 -43.02
CA PHE C 138 -6.82 18.96 -43.43
C PHE C 138 -7.63 18.45 -42.25
N ASP C 139 -8.81 17.86 -42.50
CA ASP C 139 -9.62 17.26 -41.43
C ASP C 139 -8.97 15.96 -40.93
N SER C 140 -9.36 15.52 -39.74
CA SER C 140 -8.78 14.35 -39.08
C SER C 140 -9.05 13.03 -39.82
N GLN C 141 -10.01 13.00 -40.73
CA GLN C 141 -10.35 11.83 -41.52
C GLN C 141 -9.22 11.47 -42.49
N THR C 142 -8.39 12.47 -42.86
CA THR C 142 -7.20 12.31 -43.69
C THR C 142 -6.11 11.61 -42.84
N ASN C 143 -5.30 10.75 -43.47
CA ASN C 143 -4.21 10.05 -42.79
C ASN C 143 -2.97 10.15 -43.67
N VAL C 144 -1.86 10.65 -43.11
CA VAL C 144 -0.61 10.88 -43.84
C VAL C 144 0.25 9.61 -43.83
N SER C 145 0.51 9.09 -45.03
CA SER C 145 1.30 7.88 -45.24
C SER C 145 2.79 8.18 -45.31
N GLN C 146 3.61 7.18 -44.95
CA GLN C 146 5.08 7.25 -44.97
C GLN C 146 5.59 7.31 -46.43
N SER C 147 6.92 7.48 -46.63
CA SER C 147 7.46 7.53 -47.99
C SER C 147 8.12 6.23 -48.41
N LYS C 148 8.11 5.96 -49.73
CA LYS C 148 8.76 4.82 -50.37
C LYS C 148 10.25 5.15 -50.55
N ASP C 149 10.56 6.41 -50.93
CA ASP C 149 11.93 6.90 -51.14
C ASP C 149 12.68 6.95 -49.80
N SER C 150 13.92 6.45 -49.81
CA SER C 150 14.81 6.36 -48.65
C SER C 150 15.25 7.73 -48.13
N ASP C 151 15.57 8.66 -49.05
CA ASP C 151 16.06 10.01 -48.74
C ASP C 151 14.92 11.05 -48.66
N VAL C 152 13.63 10.59 -48.57
CA VAL C 152 12.44 11.45 -48.43
C VAL C 152 11.83 11.14 -47.08
N TYR C 153 11.85 12.14 -46.15
CA TYR C 153 11.34 12.00 -44.80
C TYR C 153 10.01 12.70 -44.64
N ILE C 154 9.00 11.96 -44.15
CA ILE C 154 7.62 12.44 -43.93
C ILE C 154 7.20 12.08 -42.50
N THR C 155 6.82 13.09 -41.70
CA THR C 155 6.38 12.89 -40.32
C THR C 155 4.92 12.51 -40.32
N ASP C 156 4.38 12.04 -39.18
CA ASP C 156 2.95 11.73 -39.13
C ASP C 156 2.16 13.01 -38.77
N LYS C 157 0.83 12.96 -38.91
CA LYS C 157 -0.12 13.99 -38.57
C LYS C 157 0.09 14.44 -37.12
N CYS C 158 -0.10 15.74 -36.88
CA CYS C 158 0.02 16.34 -35.55
C CYS C 158 -0.89 17.55 -35.48
N VAL C 159 -1.68 17.69 -34.39
CA VAL C 159 -2.64 18.79 -34.21
C VAL C 159 -2.09 19.87 -33.25
N LEU C 160 -2.28 21.16 -33.61
CA LEU C 160 -1.90 22.30 -32.79
C LEU C 160 -3.15 23.08 -32.40
N ASP C 161 -3.10 23.75 -31.23
CA ASP C 161 -4.22 24.52 -30.71
C ASP C 161 -3.79 25.96 -30.47
N MET C 162 -4.34 26.87 -31.27
CA MET C 162 -4.13 28.31 -31.12
C MET C 162 -5.24 28.76 -30.21
N ARG C 163 -5.00 28.57 -28.91
CA ARG C 163 -5.90 28.75 -27.77
C ARG C 163 -6.66 30.08 -27.81
N SER C 164 -5.93 31.20 -27.95
CA SER C 164 -6.48 32.56 -27.99
C SER C 164 -7.55 32.71 -29.08
N MET C 165 -7.22 32.36 -30.34
CA MET C 165 -8.11 32.44 -31.51
C MET C 165 -9.19 31.34 -31.51
N ASP C 166 -9.02 30.26 -30.71
CA ASP C 166 -9.88 29.06 -30.65
C ASP C 166 -9.88 28.41 -32.02
N PHE C 167 -8.71 27.83 -32.36
CA PHE C 167 -8.46 27.22 -33.64
C PHE C 167 -7.54 26.03 -33.47
N LYS C 168 -7.90 24.94 -34.13
CA LYS C 168 -7.13 23.69 -34.15
C LYS C 168 -6.88 23.33 -35.60
N SER C 169 -5.64 22.92 -35.91
CA SER C 169 -5.24 22.51 -37.25
C SER C 169 -4.36 21.28 -37.22
N ASN C 170 -4.54 20.40 -38.19
CA ASN C 170 -3.76 19.20 -38.37
C ASN C 170 -2.64 19.53 -39.32
N SER C 171 -1.50 18.90 -39.13
CA SER C 171 -0.30 19.23 -39.89
C SER C 171 0.62 18.02 -40.06
N ALA C 172 1.42 18.03 -41.13
CA ALA C 172 2.42 17.03 -41.45
C ALA C 172 3.55 17.70 -42.24
N VAL C 173 4.81 17.25 -42.01
CA VAL C 173 5.98 17.83 -42.67
C VAL C 173 6.72 16.77 -43.50
N ALA C 174 7.24 17.21 -44.65
CA ALA C 174 8.03 16.39 -45.56
C ALA C 174 9.28 17.15 -45.96
N TRP C 175 10.42 16.48 -46.07
CA TRP C 175 11.68 17.08 -46.51
C TRP C 175 12.61 16.01 -47.13
N SER C 176 13.53 16.47 -47.98
CA SER C 176 14.49 15.66 -48.72
C SER C 176 15.64 16.52 -49.26
N ASN C 177 16.82 15.90 -49.45
CA ASN C 177 18.02 16.53 -49.99
C ASN C 177 18.07 16.44 -51.53
N LYS C 178 17.47 15.35 -52.10
CA LYS C 178 17.36 15.05 -53.53
C LYS C 178 16.60 16.15 -54.30
N SER C 179 17.01 16.42 -55.56
CA SER C 179 16.40 17.47 -56.40
C SER C 179 15.08 17.03 -57.04
N ASP C 180 14.90 15.71 -57.27
CA ASP C 180 13.68 15.12 -57.85
C ASP C 180 12.46 15.49 -56.98
N PHE C 181 12.70 15.67 -55.66
CA PHE C 181 11.73 16.05 -54.64
C PHE C 181 11.14 17.41 -54.93
N ALA C 182 9.80 17.44 -55.05
CA ALA C 182 9.01 18.62 -55.32
C ALA C 182 7.87 18.76 -54.30
N CYS C 183 7.27 19.95 -54.22
CA CYS C 183 6.19 20.28 -53.31
C CYS C 183 4.88 19.62 -53.73
N ALA C 184 4.61 19.56 -55.04
CA ALA C 184 3.37 18.99 -55.60
C ALA C 184 3.26 17.46 -55.48
N ASN C 185 4.39 16.74 -55.32
CA ASN C 185 4.37 15.28 -55.23
C ASN C 185 5.03 14.71 -53.97
N ALA C 186 5.21 15.53 -52.92
CA ALA C 186 5.81 15.11 -51.65
C ALA C 186 4.91 14.13 -50.91
N PHE C 187 3.60 14.44 -50.82
CA PHE C 187 2.59 13.63 -50.12
C PHE C 187 1.75 12.82 -51.13
N ASN C 188 2.40 12.36 -52.22
CA ASN C 188 1.75 11.55 -53.28
C ASN C 188 1.24 10.20 -52.73
N ASN C 189 2.10 9.47 -51.96
CA ASN C 189 1.76 8.19 -51.33
C ASN C 189 0.59 8.28 -50.29
N SER C 190 0.01 9.48 -50.09
CA SER C 190 -1.11 9.70 -49.17
C SER C 190 -2.38 10.08 -49.92
N ILE C 191 -3.56 9.71 -49.37
CA ILE C 191 -4.86 10.14 -49.94
C ILE C 191 -5.10 11.55 -49.42
N ILE C 192 -4.72 12.55 -50.22
CA ILE C 192 -4.93 13.93 -49.81
C ILE C 192 -6.24 14.39 -50.46
N PRO C 193 -7.01 15.30 -49.83
CA PRO C 193 -8.29 15.73 -50.45
C PRO C 193 -8.09 16.28 -51.86
N GLU C 194 -9.03 15.97 -52.78
CA GLU C 194 -9.01 16.35 -54.19
C GLU C 194 -8.91 17.88 -54.40
N ASP C 195 -9.35 18.68 -53.39
CA ASP C 195 -9.35 20.15 -53.39
C ASP C 195 -8.14 20.73 -52.61
N THR C 196 -7.04 19.95 -52.43
CA THR C 196 -5.84 20.41 -51.73
C THR C 196 -5.19 21.52 -52.56
N PHE C 197 -4.95 22.68 -51.90
CA PHE C 197 -4.42 23.90 -52.48
C PHE C 197 -2.90 23.80 -52.71
N PHE C 198 -2.48 23.83 -54.00
CA PHE C 198 -1.08 23.78 -54.39
C PHE C 198 -0.63 25.09 -55.06
N PRO C 199 -0.12 26.05 -54.26
CA PRO C 199 0.33 27.33 -54.85
C PRO C 199 1.69 27.22 -55.54
N SER C 200 1.97 28.12 -56.50
CA SER C 200 3.24 28.18 -57.24
C SER C 200 3.47 29.58 -57.81
N ALA D 2 5.17 20.10 -4.54
CA ALA D 2 5.42 18.85 -3.81
C ALA D 2 5.39 17.64 -4.75
N GLY D 3 6.57 17.28 -5.27
CA GLY D 3 6.71 16.16 -6.21
C GLY D 3 7.90 15.25 -5.96
N VAL D 4 7.88 14.10 -6.63
CA VAL D 4 8.94 13.10 -6.56
C VAL D 4 10.03 13.51 -7.57
N SER D 5 11.29 13.60 -7.14
CA SER D 5 12.40 13.99 -8.02
C SER D 5 13.28 12.79 -8.36
N GLN D 6 13.37 12.52 -9.67
CA GLN D 6 14.19 11.43 -10.22
C GLN D 6 15.38 12.02 -10.93
N SER D 7 16.58 11.49 -10.68
CA SER D 7 17.81 11.97 -11.30
C SER D 7 18.79 10.83 -11.53
N PRO D 8 19.50 10.76 -12.67
CA PRO D 8 19.41 11.68 -13.84
C PRO D 8 18.16 11.38 -14.65
N ARG D 9 17.56 12.42 -15.24
CA ARG D 9 16.35 12.25 -16.03
C ARG D 9 16.64 11.45 -17.31
N TYR D 10 17.89 11.57 -17.82
CA TYR D 10 18.37 10.83 -18.99
C TYR D 10 19.77 10.27 -18.73
N LYS D 11 20.04 9.03 -19.16
CA LYS D 11 21.35 8.44 -18.93
C LYS D 11 21.77 7.54 -20.09
N VAL D 12 22.93 7.89 -20.68
CA VAL D 12 23.61 7.12 -21.72
C VAL D 12 24.68 6.31 -20.98
N ALA D 13 24.73 5.01 -21.22
CA ALA D 13 25.72 4.21 -20.53
C ALA D 13 26.37 3.21 -21.44
N LYS D 14 27.64 2.91 -21.17
CA LYS D 14 28.39 1.91 -21.94
C LYS D 14 28.05 0.54 -21.37
N ARG D 15 27.82 -0.44 -22.26
CA ARG D 15 27.53 -1.81 -21.90
C ARG D 15 28.67 -2.35 -21.01
N GLY D 16 28.30 -2.94 -19.87
CA GLY D 16 29.22 -3.46 -18.88
C GLY D 16 29.50 -2.52 -17.73
N GLN D 17 29.01 -1.29 -17.82
CA GLN D 17 29.21 -0.30 -16.76
C GLN D 17 28.06 -0.26 -15.76
N ASP D 18 28.35 0.25 -14.56
CA ASP D 18 27.38 0.40 -13.51
C ASP D 18 26.70 1.75 -13.64
N VAL D 19 25.40 1.81 -13.27
CA VAL D 19 24.59 3.03 -13.29
C VAL D 19 23.82 3.12 -11.97
N ALA D 20 23.65 4.35 -11.44
CA ALA D 20 22.93 4.59 -10.19
C ALA D 20 21.84 5.63 -10.42
N LEU D 21 20.59 5.21 -10.15
CA LEU D 21 19.40 6.05 -10.29
C LEU D 21 18.90 6.46 -8.94
N ARG D 22 18.61 7.74 -8.75
CA ARG D 22 18.14 8.31 -7.50
C ARG D 22 16.66 8.68 -7.56
N CYS D 23 15.98 8.62 -6.42
CA CYS D 23 14.58 8.99 -6.26
C CYS D 23 14.36 9.69 -4.92
N ASP D 24 14.04 10.99 -4.96
CA ASP D 24 13.79 11.79 -3.77
C ASP D 24 12.28 11.91 -3.66
N PRO D 25 11.61 11.11 -2.79
CA PRO D 25 10.14 11.16 -2.70
C PRO D 25 9.64 12.34 -1.88
N ILE D 26 8.31 12.49 -1.81
CA ILE D 26 7.66 13.55 -1.03
C ILE D 26 7.79 13.18 0.43
N SER D 27 8.27 14.14 1.24
CA SER D 27 8.51 14.03 2.67
C SER D 27 7.27 13.48 3.40
N GLY D 28 7.47 12.43 4.18
CA GLY D 28 6.42 11.79 4.96
C GLY D 28 5.80 10.57 4.33
N HIS D 29 5.93 10.43 3.00
CA HIS D 29 5.40 9.29 2.24
C HIS D 29 6.16 8.02 2.63
N VAL D 30 5.44 7.09 3.29
CA VAL D 30 5.98 5.83 3.83
C VAL D 30 6.30 4.86 2.70
N SER D 31 5.41 4.79 1.69
CA SER D 31 5.56 3.90 0.53
C SER D 31 6.44 4.53 -0.55
N LEU D 32 7.35 3.72 -1.11
CA LEU D 32 8.16 4.07 -2.25
C LEU D 32 8.19 2.83 -3.15
N PHE D 33 7.84 3.04 -4.41
CA PHE D 33 7.80 1.97 -5.39
C PHE D 33 8.69 2.28 -6.57
N TRP D 34 9.37 1.25 -7.06
CA TRP D 34 10.19 1.33 -8.26
C TRP D 34 9.50 0.53 -9.33
N TYR D 35 9.50 1.07 -10.54
CA TYR D 35 8.93 0.50 -11.74
C TYR D 35 9.88 0.66 -12.91
N GLN D 36 9.80 -0.26 -13.88
CA GLN D 36 10.56 -0.24 -15.14
C GLN D 36 9.54 -0.17 -16.26
N GLN D 37 9.73 0.72 -17.22
CA GLN D 37 8.81 0.82 -18.35
C GLN D 37 9.53 0.78 -19.70
N ALA D 38 9.19 -0.23 -20.50
CA ALA D 38 9.66 -0.41 -21.87
C ALA D 38 8.62 0.15 -22.85
N LEU D 39 9.08 0.54 -24.05
CA LEU D 39 8.31 1.16 -25.14
C LEU D 39 7.03 0.39 -25.51
N GLY D 40 5.89 1.09 -25.42
CA GLY D 40 4.57 0.56 -25.74
C GLY D 40 3.98 -0.38 -24.71
N GLN D 41 4.60 -0.44 -23.52
CA GLN D 41 4.17 -1.28 -22.41
C GLN D 41 3.87 -0.42 -21.18
N GLY D 42 3.12 -0.99 -20.23
CA GLY D 42 2.78 -0.32 -18.97
C GLY D 42 3.89 -0.46 -17.94
N PRO D 43 3.88 0.36 -16.85
CA PRO D 43 4.94 0.23 -15.83
C PRO D 43 4.96 -1.16 -15.20
N GLU D 44 6.17 -1.68 -14.95
CA GLU D 44 6.34 -2.99 -14.36
C GLU D 44 7.03 -2.88 -13.05
N PHE D 45 6.41 -3.45 -12.03
CA PHE D 45 6.87 -3.46 -10.65
C PHE D 45 8.27 -4.03 -10.57
N LEU D 46 9.11 -3.42 -9.73
CA LEU D 46 10.47 -3.90 -9.52
C LEU D 46 10.64 -4.24 -8.04
N THR D 47 10.44 -3.22 -7.16
CA THR D 47 10.58 -3.32 -5.72
C THR D 47 9.70 -2.29 -5.02
N TYR D 48 9.34 -2.55 -3.76
CA TYR D 48 8.50 -1.71 -2.90
C TYR D 48 9.13 -1.58 -1.55
N PHE D 49 9.06 -0.39 -0.97
CA PHE D 49 9.58 -0.05 0.35
C PHE D 49 8.52 0.54 1.25
N GLN D 50 8.51 0.10 2.52
CA GLN D 50 7.72 0.67 3.60
C GLN D 50 8.77 1.24 4.53
N ASN D 51 9.03 2.55 4.38
CA ASN D 51 10.11 3.27 5.05
C ASN D 51 11.42 2.64 4.57
N GLU D 52 12.35 2.25 5.46
CA GLU D 52 13.64 1.69 5.06
C GLU D 52 13.60 0.17 4.73
N ALA D 53 12.46 -0.50 4.97
CA ALA D 53 12.31 -1.94 4.75
C ALA D 53 11.83 -2.27 3.33
N GLN D 54 12.59 -3.14 2.62
CA GLN D 54 12.26 -3.61 1.27
C GLN D 54 11.38 -4.87 1.39
N LEU D 55 10.04 -4.66 1.50
CA LEU D 55 9.06 -5.71 1.77
C LEU D 55 8.71 -6.62 0.57
N ASP D 56 8.96 -6.17 -0.65
CA ASP D 56 8.65 -6.93 -1.86
C ASP D 56 9.59 -6.47 -2.93
N LYS D 57 10.40 -7.37 -3.46
CA LYS D 57 11.38 -7.04 -4.49
C LYS D 57 11.33 -8.11 -5.60
N SER D 58 10.16 -8.77 -5.73
CA SER D 58 9.88 -9.87 -6.64
C SER D 58 10.01 -9.50 -8.13
N GLY D 59 9.84 -8.20 -8.45
CA GLY D 59 9.89 -7.70 -9.82
C GLY D 59 11.26 -7.40 -10.39
N LEU D 60 12.34 -7.50 -9.56
CA LEU D 60 13.72 -7.21 -9.98
C LEU D 60 14.20 -8.18 -11.09
N PRO D 61 14.63 -7.64 -12.26
CA PRO D 61 14.97 -8.51 -13.40
C PRO D 61 16.09 -9.53 -13.17
N SER D 62 17.15 -9.16 -12.41
CA SER D 62 18.33 -9.99 -12.26
C SER D 62 19.03 -9.82 -10.90
N ASP D 63 20.15 -10.56 -10.73
CA ASP D 63 21.13 -10.54 -9.65
C ASP D 63 21.79 -9.12 -9.57
N ARG D 64 21.91 -8.42 -10.74
CA ARG D 64 22.57 -7.12 -10.99
C ARG D 64 21.79 -5.85 -10.54
N PHE D 65 20.47 -5.97 -10.33
CA PHE D 65 19.60 -4.88 -9.87
C PHE D 65 19.53 -4.90 -8.36
N PHE D 66 19.84 -3.77 -7.71
CA PHE D 66 19.82 -3.66 -6.25
C PHE D 66 19.28 -2.31 -5.83
N ALA D 67 18.35 -2.29 -4.87
CA ALA D 67 17.73 -1.06 -4.40
C ALA D 67 17.89 -0.90 -2.89
N GLU D 68 17.97 0.35 -2.43
CA GLU D 68 18.15 0.69 -1.02
C GLU D 68 17.49 2.01 -0.68
N ARG D 69 17.05 2.16 0.57
CA ARG D 69 16.40 3.36 1.14
C ARG D 69 16.89 3.42 2.59
N PRO D 70 18.21 3.70 2.84
CA PRO D 70 18.75 3.57 4.20
C PRO D 70 18.05 4.36 5.29
N GLU D 71 17.65 5.61 5.03
CA GLU D 71 17.00 6.45 6.04
C GLU D 71 15.47 6.53 5.87
N GLY D 72 14.94 5.72 4.95
CA GLY D 72 13.51 5.63 4.69
C GLY D 72 12.90 6.82 3.96
N SER D 73 13.72 7.53 3.16
CA SER D 73 13.30 8.68 2.34
C SER D 73 13.80 8.45 0.90
N VAL D 74 15.01 8.93 0.59
CA VAL D 74 15.69 8.82 -0.70
C VAL D 74 16.01 7.35 -1.00
N SER D 75 15.69 6.93 -2.24
CA SER D 75 15.99 5.58 -2.71
C SER D 75 16.96 5.65 -3.88
N THR D 76 17.76 4.59 -4.05
CA THR D 76 18.74 4.49 -5.12
C THR D 76 18.64 3.10 -5.77
N LEU D 77 18.26 3.04 -7.05
CA LEU D 77 18.22 1.81 -7.82
C LEU D 77 19.54 1.71 -8.55
N LYS D 78 20.32 0.68 -8.23
CA LYS D 78 21.65 0.50 -8.81
C LYS D 78 21.66 -0.65 -9.80
N ILE D 79 22.01 -0.36 -11.04
CA ILE D 79 22.15 -1.40 -12.07
C ILE D 79 23.66 -1.59 -12.32
N GLN D 80 24.14 -2.83 -12.13
CA GLN D 80 25.52 -3.26 -12.32
C GLN D 80 25.66 -3.92 -13.67
N ARG D 81 26.87 -3.91 -14.29
CA ARG D 81 27.11 -4.52 -15.59
C ARG D 81 25.90 -4.32 -16.51
N THR D 82 25.57 -3.05 -16.82
CA THR D 82 24.39 -2.76 -17.65
C THR D 82 24.49 -3.44 -19.01
N GLN D 83 23.35 -3.98 -19.46
CA GLN D 83 23.21 -4.65 -20.74
C GLN D 83 22.19 -3.87 -21.55
N GLN D 84 22.19 -4.01 -22.88
CA GLN D 84 21.27 -3.31 -23.79
C GLN D 84 19.80 -3.53 -23.42
N GLU D 85 19.45 -4.73 -22.89
CA GLU D 85 18.09 -5.10 -22.49
C GLU D 85 17.60 -4.26 -21.30
N ASP D 86 18.50 -3.59 -20.55
CA ASP D 86 18.13 -2.73 -19.42
C ASP D 86 17.61 -1.36 -19.87
N SER D 87 17.79 -1.00 -21.16
CA SER D 87 17.30 0.27 -21.71
C SER D 87 15.78 0.37 -21.49
N ALA D 88 15.35 1.34 -20.68
CA ALA D 88 13.95 1.57 -20.32
C ALA D 88 13.77 2.92 -19.62
N VAL D 89 12.57 3.16 -19.10
CA VAL D 89 12.27 4.36 -18.32
C VAL D 89 11.97 3.86 -16.93
N TYR D 90 12.86 4.19 -15.98
CA TYR D 90 12.67 3.74 -14.61
C TYR D 90 11.85 4.77 -13.89
N LEU D 91 10.65 4.34 -13.46
CA LEU D 91 9.69 5.18 -12.76
C LEU D 91 9.72 4.93 -11.28
N CYS D 92 9.57 6.00 -10.52
CA CYS D 92 9.55 5.97 -9.07
C CYS D 92 8.31 6.68 -8.58
N ALA D 93 7.64 6.06 -7.61
CA ALA D 93 6.42 6.61 -7.03
C ALA D 93 6.46 6.52 -5.54
N SER D 94 5.77 7.45 -4.87
CA SER D 94 5.61 7.44 -3.43
C SER D 94 4.15 7.60 -3.09
N SER D 95 3.72 7.04 -1.95
CA SER D 95 2.36 7.14 -1.45
C SER D 95 2.39 7.27 0.05
N LEU D 96 1.51 8.12 0.59
CA LEU D 96 1.40 8.46 2.01
C LEU D 96 1.23 7.24 2.92
N ALA D 97 0.61 6.15 2.44
CA ALA D 97 0.36 4.89 3.16
C ALA D 97 -0.51 5.07 4.45
N ARG D 98 -1.32 6.13 4.49
CA ARG D 98 -2.26 6.46 5.56
C ARG D 98 -3.63 5.92 5.22
N ALA D 99 -4.44 5.62 6.25
CA ALA D 99 -5.82 5.14 6.08
C ALA D 99 -6.63 6.14 5.25
N GLN D 100 -7.34 5.64 4.22
CA GLN D 100 -8.12 6.45 3.27
C GLN D 100 -9.56 6.68 3.73
N GLY D 101 -9.83 7.90 4.18
CA GLY D 101 -11.15 8.32 4.62
C GLY D 101 -11.79 9.20 3.56
N ALA D 102 -12.13 10.43 3.92
CA ALA D 102 -12.68 11.40 2.99
C ALA D 102 -11.59 12.43 2.64
N SER D 103 -11.38 12.63 1.33
CA SER D 103 -10.37 13.54 0.73
C SER D 103 -8.97 12.88 0.61
N ASN D 104 -8.77 11.70 1.25
CA ASN D 104 -7.53 10.92 1.14
C ASN D 104 -7.65 10.04 -0.08
N THR D 105 -6.94 10.39 -1.16
CA THR D 105 -6.97 9.66 -2.42
C THR D 105 -6.20 8.35 -2.33
N GLY D 106 -5.13 8.33 -1.52
CA GLY D 106 -4.25 7.19 -1.34
C GLY D 106 -3.50 6.84 -2.61
N GLU D 107 -3.37 7.85 -3.50
CA GLU D 107 -2.79 7.76 -4.84
C GLU D 107 -1.31 7.61 -4.80
N LEU D 108 -0.74 7.27 -5.99
CA LEU D 108 0.68 7.13 -6.22
C LEU D 108 1.15 8.36 -6.91
N PHE D 109 2.13 9.05 -6.31
CA PHE D 109 2.71 10.24 -6.92
C PHE D 109 3.98 9.82 -7.63
N PHE D 110 3.97 9.93 -8.96
CA PHE D 110 5.11 9.51 -9.76
C PHE D 110 6.08 10.65 -10.04
N GLY D 111 7.34 10.27 -10.24
CA GLY D 111 8.37 11.20 -10.63
C GLY D 111 8.25 11.44 -12.12
N GLU D 112 9.25 12.07 -12.72
CA GLU D 112 9.27 12.38 -14.15
C GLU D 112 9.82 11.16 -14.92
N GLY D 113 10.57 10.32 -14.23
CA GLY D 113 11.21 9.13 -14.78
C GLY D 113 12.65 9.36 -15.15
N SER D 114 13.42 8.26 -15.21
CA SER D 114 14.82 8.24 -15.61
C SER D 114 14.96 7.39 -16.86
N ARG D 115 15.16 8.02 -18.04
CA ARG D 115 15.32 7.27 -19.28
C ARG D 115 16.77 6.76 -19.36
N LEU D 116 16.94 5.43 -19.30
CA LEU D 116 18.25 4.80 -19.44
C LEU D 116 18.37 4.18 -20.82
N THR D 117 19.48 4.50 -21.54
CA THR D 117 19.84 3.97 -22.86
C THR D 117 21.23 3.35 -22.73
N VAL D 118 21.35 2.04 -23.00
CA VAL D 118 22.59 1.28 -22.92
C VAL D 118 23.06 0.97 -24.33
N LEU D 119 24.30 1.40 -24.63
CA LEU D 119 24.95 1.23 -25.92
C LEU D 119 26.24 0.44 -25.78
N GLU D 120 26.66 -0.28 -26.85
CA GLU D 120 27.91 -1.03 -26.86
C GLU D 120 29.08 -0.02 -26.90
N ASP D 121 29.02 0.92 -27.85
CA ASP D 121 29.98 2.00 -28.01
C ASP D 121 29.27 3.35 -27.99
N LEU D 122 29.92 4.35 -27.40
CA LEU D 122 29.41 5.72 -27.27
C LEU D 122 29.82 6.55 -28.49
N LYS D 123 30.50 5.91 -29.47
CA LYS D 123 30.94 6.48 -30.75
C LYS D 123 29.75 6.75 -31.69
N ASN D 124 28.58 6.24 -31.31
CA ASN D 124 27.31 6.36 -32.04
C ASN D 124 26.45 7.53 -31.52
N VAL D 125 26.89 8.22 -30.44
CA VAL D 125 26.16 9.33 -29.82
C VAL D 125 26.43 10.61 -30.61
N PHE D 126 25.38 11.30 -31.08
CA PHE D 126 25.49 12.54 -31.84
C PHE D 126 24.49 13.58 -31.36
N PRO D 127 24.87 14.87 -31.26
CA PRO D 127 23.89 15.88 -30.83
C PRO D 127 22.98 16.27 -32.01
N PRO D 128 21.82 16.92 -31.80
CA PRO D 128 20.99 17.30 -32.95
C PRO D 128 21.52 18.51 -33.68
N GLU D 129 21.11 18.67 -34.94
CA GLU D 129 21.38 19.81 -35.78
C GLU D 129 20.02 20.48 -35.94
N VAL D 130 19.88 21.77 -35.56
CA VAL D 130 18.58 22.43 -35.60
C VAL D 130 18.53 23.49 -36.71
N ALA D 131 17.37 23.56 -37.41
CA ALA D 131 17.07 24.52 -38.47
C ALA D 131 15.63 25.01 -38.35
N VAL D 132 15.41 26.30 -38.61
CA VAL D 132 14.07 26.90 -38.57
C VAL D 132 13.69 27.32 -40.02
N PHE D 133 12.50 26.91 -40.45
CA PHE D 133 11.95 27.18 -41.76
C PHE D 133 10.82 28.18 -41.60
N GLU D 134 10.99 29.38 -42.23
CA GLU D 134 10.09 30.54 -42.17
C GLU D 134 8.78 30.29 -42.92
N PRO D 135 7.67 30.94 -42.47
CA PRO D 135 6.35 30.69 -43.09
C PRO D 135 6.26 30.97 -44.60
N SER D 136 5.35 30.26 -45.27
CA SER D 136 5.06 30.38 -46.69
C SER D 136 4.18 31.62 -46.93
N GLU D 137 4.62 32.54 -47.81
CA GLU D 137 3.85 33.75 -48.13
C GLU D 137 2.47 33.41 -48.66
N ALA D 138 2.38 32.22 -49.29
CA ALA D 138 1.17 31.62 -49.85
C ALA D 138 0.18 31.26 -48.74
N GLU D 139 0.69 30.84 -47.54
CA GLU D 139 -0.15 30.49 -46.39
C GLU D 139 -0.64 31.76 -45.74
N ILE D 140 0.26 32.74 -45.53
CA ILE D 140 -0.05 34.05 -44.94
C ILE D 140 -1.22 34.72 -45.70
N SER D 141 -1.17 34.71 -47.04
CA SER D 141 -2.20 35.31 -47.88
C SER D 141 -3.52 34.53 -47.83
N HIS D 142 -3.46 33.19 -47.99
CA HIS D 142 -4.63 32.32 -48.07
C HIS D 142 -5.34 32.17 -46.73
N THR D 143 -4.60 32.01 -45.61
CA THR D 143 -5.21 31.72 -44.31
C THR D 143 -5.12 32.86 -43.26
N GLN D 144 -4.19 33.82 -43.45
CA GLN D 144 -3.89 34.92 -42.51
C GLN D 144 -3.26 34.35 -41.19
N LYS D 145 -2.63 33.16 -41.32
CA LYS D 145 -1.88 32.46 -40.28
C LYS D 145 -0.50 32.11 -40.85
N ALA D 146 0.50 32.00 -39.99
CA ALA D 146 1.87 31.72 -40.40
C ALA D 146 2.50 30.62 -39.54
N THR D 147 2.87 29.48 -40.20
CA THR D 147 3.44 28.31 -39.55
C THR D 147 4.95 28.26 -39.73
N LEU D 148 5.69 28.22 -38.61
CA LEU D 148 7.13 28.02 -38.55
C LEU D 148 7.37 26.54 -38.33
N VAL D 149 8.39 25.97 -38.98
CA VAL D 149 8.70 24.55 -38.83
C VAL D 149 10.12 24.46 -38.36
N CYS D 150 10.35 23.59 -37.39
CA CYS D 150 11.66 23.35 -36.84
C CYS D 150 12.06 21.92 -37.10
N LEU D 151 13.30 21.74 -37.56
CA LEU D 151 13.85 20.43 -37.87
C LEU D 151 15.09 20.16 -37.03
N ALA D 152 14.96 19.23 -36.09
CA ALA D 152 16.06 18.72 -35.29
C ALA D 152 16.46 17.42 -35.96
N THR D 153 17.71 17.32 -36.44
CA THR D 153 18.13 16.15 -37.21
C THR D 153 19.49 15.59 -36.79
N GLY D 154 19.69 14.30 -37.11
CA GLY D 154 20.93 13.58 -36.88
C GLY D 154 21.34 13.32 -35.46
N PHE D 155 20.39 13.20 -34.53
CA PHE D 155 20.73 12.96 -33.14
C PHE D 155 20.61 11.50 -32.76
N TYR D 156 21.42 11.08 -31.78
CA TYR D 156 21.42 9.72 -31.26
C TYR D 156 21.98 9.71 -29.84
N PRO D 157 21.29 9.10 -28.84
CA PRO D 157 20.00 8.41 -28.92
C PRO D 157 18.81 9.40 -28.88
N ASP D 158 17.58 8.89 -28.78
CA ASP D 158 16.40 9.75 -28.72
C ASP D 158 16.27 10.33 -27.28
N HIS D 159 17.13 11.33 -26.99
CA HIS D 159 17.19 12.01 -25.69
C HIS D 159 17.08 13.51 -25.92
N VAL D 160 15.97 13.94 -26.54
CA VAL D 160 15.76 15.35 -26.88
C VAL D 160 14.49 15.96 -26.26
N GLU D 161 14.52 17.28 -26.04
CA GLU D 161 13.39 18.06 -25.55
C GLU D 161 13.29 19.39 -26.33
N LEU D 162 12.35 19.40 -27.31
CA LEU D 162 12.10 20.55 -28.17
C LEU D 162 11.16 21.55 -27.49
N SER D 163 11.37 22.84 -27.73
CA SER D 163 10.58 23.94 -27.17
C SER D 163 10.72 25.19 -28.01
N TRP D 164 9.63 25.91 -28.15
CA TRP D 164 9.61 27.17 -28.89
C TRP D 164 9.62 28.33 -27.93
N TRP D 165 10.41 29.35 -28.27
CA TRP D 165 10.59 30.57 -27.51
C TRP D 165 10.27 31.76 -28.38
N VAL D 166 9.48 32.68 -27.85
CA VAL D 166 9.06 33.91 -28.54
C VAL D 166 9.32 35.09 -27.60
N ASN D 167 10.19 36.03 -28.03
CA ASN D 167 10.59 37.22 -27.27
C ASN D 167 11.02 36.85 -25.83
N GLY D 168 11.96 35.91 -25.74
CA GLY D 168 12.52 35.42 -24.48
C GLY D 168 11.64 34.49 -23.67
N LYS D 169 10.32 34.44 -23.94
CA LYS D 169 9.39 33.58 -23.19
C LYS D 169 8.99 32.33 -23.98
N GLU D 170 8.87 31.19 -23.27
CA GLU D 170 8.50 29.91 -23.88
C GLU D 170 7.05 29.90 -24.28
N VAL D 171 6.75 29.30 -25.44
CA VAL D 171 5.38 29.25 -25.95
C VAL D 171 4.89 27.80 -26.09
N HIS D 172 3.60 27.59 -25.78
CA HIS D 172 2.90 26.31 -25.82
C HIS D 172 1.70 26.35 -26.77
N SER D 173 1.04 27.52 -26.85
CA SER D 173 -0.11 27.78 -27.70
C SER D 173 0.33 27.81 -29.17
N GLY D 174 -0.37 27.05 -30.00
CA GLY D 174 -0.11 26.97 -31.44
C GLY D 174 1.06 26.08 -31.79
N VAL D 175 1.52 25.26 -30.83
CA VAL D 175 2.68 24.37 -30.96
C VAL D 175 2.20 22.91 -31.01
N CYS D 176 2.96 22.09 -31.72
CA CYS D 176 2.80 20.67 -31.85
C CYS D 176 4.17 20.08 -32.32
N THR D 177 4.68 19.11 -31.56
CA THR D 177 5.94 18.43 -31.78
C THR D 177 5.60 17.00 -32.00
N ASP D 178 6.34 16.30 -32.89
CA ASP D 178 6.07 14.89 -33.19
C ASP D 178 6.13 14.03 -31.93
N PRO D 179 5.13 13.14 -31.68
CA PRO D 179 5.18 12.29 -30.47
C PRO D 179 6.37 11.32 -30.49
N GLN D 180 6.76 10.84 -31.67
CA GLN D 180 7.92 9.95 -31.85
C GLN D 180 8.81 10.44 -33.02
N PRO D 181 10.14 10.15 -33.05
CA PRO D 181 10.96 10.66 -34.15
C PRO D 181 11.07 9.69 -35.33
N LEU D 182 11.63 10.14 -36.48
CA LEU D 182 11.85 9.29 -37.64
C LEU D 182 13.28 8.78 -37.66
N LYS D 183 13.50 7.54 -38.13
CA LYS D 183 14.85 7.01 -38.31
C LYS D 183 15.40 7.60 -39.61
N GLU D 184 16.59 8.23 -39.56
CA GLU D 184 17.20 8.84 -40.75
C GLU D 184 17.60 7.77 -41.79
N GLN D 185 17.72 6.50 -41.34
CA GLN D 185 17.98 5.28 -42.12
C GLN D 185 17.19 4.14 -41.46
N PRO D 186 15.88 3.96 -41.76
CA PRO D 186 15.09 2.90 -41.08
C PRO D 186 15.61 1.49 -41.34
N ALA D 187 16.24 1.26 -42.51
CA ALA D 187 16.81 -0.03 -42.91
C ALA D 187 18.03 -0.35 -42.04
N LEU D 188 18.96 0.61 -41.92
CA LEU D 188 20.16 0.48 -41.11
C LEU D 188 19.79 0.35 -39.63
N ASN D 189 20.41 -0.61 -38.94
CA ASN D 189 20.15 -0.84 -37.51
C ASN D 189 20.89 0.21 -36.70
N ASP D 190 20.17 0.85 -35.75
CA ASP D 190 20.65 1.90 -34.83
C ASP D 190 21.08 3.16 -35.61
N SER D 191 20.16 3.72 -36.41
CA SER D 191 20.40 4.95 -37.17
C SER D 191 20.07 6.17 -36.33
N ARG D 192 20.53 7.35 -36.76
CA ARG D 192 20.28 8.61 -36.09
C ARG D 192 18.84 9.05 -36.35
N TYR D 193 18.31 9.96 -35.52
CA TYR D 193 16.93 10.40 -35.63
C TYR D 193 16.76 11.83 -36.13
N ALA D 194 15.54 12.10 -36.57
CA ALA D 194 15.05 13.37 -37.05
C ALA D 194 13.71 13.60 -36.41
N LEU D 195 13.49 14.82 -35.91
CA LEU D 195 12.23 15.21 -35.28
C LEU D 195 11.84 16.64 -35.74
N SER D 196 10.59 16.83 -36.10
CA SER D 196 10.10 18.15 -36.50
C SER D 196 9.09 18.66 -35.46
N SER D 197 8.83 19.98 -35.51
CA SER D 197 7.86 20.66 -34.67
C SER D 197 7.33 21.88 -35.42
N ARG D 198 6.09 22.29 -35.14
CA ARG D 198 5.50 23.47 -35.78
C ARG D 198 5.02 24.47 -34.75
N LEU D 199 5.13 25.77 -35.08
CA LEU D 199 4.59 26.86 -34.28
C LEU D 199 3.76 27.74 -35.20
N ARG D 200 2.44 27.84 -34.91
CA ARG D 200 1.54 28.64 -35.71
C ARG D 200 1.14 29.91 -34.99
N VAL D 201 1.39 31.04 -35.64
CA VAL D 201 1.07 32.38 -35.15
C VAL D 201 0.18 33.05 -36.21
N SER D 202 -0.37 34.23 -35.90
CA SER D 202 -1.18 34.98 -36.87
C SER D 202 -0.24 35.64 -37.83
N ALA D 203 -0.68 35.93 -39.07
CA ALA D 203 0.11 36.61 -40.09
C ALA D 203 0.72 37.89 -39.54
N THR D 204 -0.10 38.70 -38.84
CA THR D 204 0.26 39.97 -38.20
C THR D 204 1.40 39.83 -37.20
N PHE D 205 1.46 38.71 -36.45
CA PHE D 205 2.52 38.45 -35.47
C PHE D 205 3.84 38.08 -36.14
N TRP D 206 3.77 37.34 -37.25
CA TRP D 206 4.97 36.99 -38.02
C TRP D 206 5.45 38.22 -38.81
N GLN D 207 4.52 39.07 -39.26
CA GLN D 207 4.85 40.24 -40.08
C GLN D 207 5.41 41.43 -39.25
N ASN D 208 5.53 41.29 -37.91
CA ASN D 208 6.16 42.31 -37.07
C ASN D 208 7.65 41.97 -36.96
N PRO D 209 8.55 42.83 -37.48
CA PRO D 209 10.01 42.51 -37.44
C PRO D 209 10.65 42.55 -36.05
N ARG D 210 9.98 43.14 -35.05
CA ARG D 210 10.49 43.24 -33.69
C ARG D 210 10.27 41.92 -32.91
N ASN D 211 9.53 40.96 -33.51
CA ASN D 211 9.24 39.67 -32.89
C ASN D 211 10.30 38.65 -33.25
N HIS D 212 10.87 38.02 -32.23
CA HIS D 212 11.96 37.04 -32.34
C HIS D 212 11.41 35.65 -32.00
N PHE D 213 11.67 34.68 -32.89
CA PHE D 213 11.22 33.28 -32.76
C PHE D 213 12.42 32.35 -32.69
N ARG D 214 12.41 31.38 -31.79
CA ARG D 214 13.52 30.44 -31.60
C ARG D 214 13.03 29.04 -31.26
N CYS D 215 13.65 28.06 -31.88
CA CYS D 215 13.44 26.65 -31.63
C CYS D 215 14.63 26.14 -30.84
N GLN D 216 14.36 25.57 -29.67
CA GLN D 216 15.37 25.11 -28.74
C GLN D 216 15.23 23.63 -28.50
N VAL D 217 16.26 22.85 -28.84
CA VAL D 217 16.29 21.42 -28.58
C VAL D 217 17.34 21.12 -27.47
N GLN D 218 16.89 20.55 -26.38
CA GLN D 218 17.76 20.16 -25.29
C GLN D 218 18.14 18.70 -25.52
N PHE D 219 19.42 18.46 -25.78
CA PHE D 219 20.01 17.13 -25.96
C PHE D 219 20.66 16.68 -24.66
N TYR D 220 20.54 15.37 -24.40
CA TYR D 220 21.12 14.69 -23.25
C TYR D 220 22.07 13.63 -23.80
N GLY D 221 23.37 13.87 -23.67
CA GLY D 221 24.34 12.94 -24.20
C GLY D 221 25.33 12.44 -23.17
N LEU D 222 26.61 12.73 -23.41
CA LEU D 222 27.69 12.30 -22.54
C LEU D 222 27.95 13.32 -21.42
N SER D 223 28.69 12.88 -20.40
CA SER D 223 29.09 13.67 -19.24
C SER D 223 30.62 13.74 -19.19
N GLU D 224 31.16 14.64 -18.34
CA GLU D 224 32.61 14.83 -18.12
C GLU D 224 33.30 13.51 -17.74
N ASN D 225 32.64 12.71 -16.91
CA ASN D 225 33.11 11.41 -16.45
C ASN D 225 33.26 10.38 -17.59
N ASP D 226 32.43 10.48 -18.66
CA ASP D 226 32.47 9.56 -19.80
C ASP D 226 33.72 9.79 -20.66
N GLU D 227 34.28 8.69 -21.21
CA GLU D 227 35.48 8.72 -22.04
C GLU D 227 35.17 8.98 -23.52
N TRP D 228 35.94 9.92 -24.13
CA TRP D 228 35.81 10.30 -25.54
C TRP D 228 37.19 10.31 -26.19
N THR D 229 37.40 9.45 -27.19
CA THR D 229 38.69 9.32 -27.89
C THR D 229 38.52 9.54 -29.41
N GLN D 230 37.57 10.40 -29.79
CA GLN D 230 37.28 10.73 -31.19
C GLN D 230 37.67 12.17 -31.48
N ASP D 231 38.19 12.42 -32.70
CA ASP D 231 38.66 13.74 -33.14
C ASP D 231 37.53 14.75 -33.16
N ARG D 232 36.28 14.28 -33.40
CA ARG D 232 35.09 15.14 -33.40
C ARG D 232 34.73 15.56 -31.97
N ALA D 233 33.96 16.66 -31.83
CA ALA D 233 33.54 17.24 -30.56
C ALA D 233 32.70 16.26 -29.74
N LYS D 234 33.02 16.14 -28.42
CA LYS D 234 32.33 15.28 -27.46
C LYS D 234 30.82 15.55 -27.52
N PRO D 235 29.97 14.50 -27.69
CA PRO D 235 28.53 14.74 -27.81
C PRO D 235 27.86 14.84 -26.44
N VAL D 236 28.28 15.87 -25.68
CA VAL D 236 27.80 16.15 -24.32
C VAL D 236 26.35 16.69 -24.33
N THR D 237 25.76 16.78 -23.12
CA THR D 237 24.46 17.38 -22.89
C THR D 237 24.61 18.86 -23.28
N GLN D 238 23.78 19.31 -24.22
CA GLN D 238 23.82 20.67 -24.74
C GLN D 238 22.47 21.11 -25.30
N ILE D 239 22.35 22.41 -25.56
CA ILE D 239 21.20 23.04 -26.20
C ILE D 239 21.66 23.42 -27.61
N VAL D 240 20.96 22.92 -28.63
CA VAL D 240 21.19 23.28 -30.02
C VAL D 240 19.92 24.04 -30.44
N SER D 241 20.10 25.26 -30.99
CA SER D 241 19.00 26.14 -31.32
C SER D 241 19.16 26.82 -32.68
N ALA D 242 18.01 27.26 -33.23
CA ALA D 242 17.91 28.01 -34.48
C ALA D 242 16.85 29.11 -34.31
N GLU D 243 17.18 30.34 -34.74
CA GLU D 243 16.28 31.48 -34.59
C GLU D 243 15.77 32.04 -35.92
N ALA D 244 14.81 32.96 -35.85
CA ALA D 244 14.18 33.64 -36.97
C ALA D 244 13.46 34.89 -36.50
N TRP D 245 13.63 35.98 -37.23
CA TRP D 245 12.97 37.26 -36.96
C TRP D 245 11.81 37.46 -37.90
N GLY D 246 10.83 38.24 -37.48
CA GLY D 246 9.66 38.56 -38.27
C GLY D 246 9.98 39.35 -39.52
N ARG D 247 9.30 39.00 -40.63
CA ARG D 247 9.50 39.65 -41.93
C ARG D 247 8.24 40.42 -42.28
N ALA D 248 8.39 41.75 -42.47
CA ALA D 248 7.26 42.62 -42.83
C ALA D 248 7.03 42.58 -44.32
N ASP D 249 5.73 42.60 -44.73
CA ASP D 249 5.18 42.58 -46.11
C ASP D 249 3.89 41.75 -46.13
#